data_1D31
# 
_entry.id   1D31 
# 
_audit_conform.dict_name       mmcif_pdbx.dic 
_audit_conform.dict_version    5.385 
_audit_conform.dict_location   http://mmcif.pdb.org/dictionaries/ascii/mmcif_pdbx.dic 
# 
loop_
_database_2.database_id 
_database_2.database_code 
_database_2.pdbx_database_accession 
_database_2.pdbx_DOI 
PDB   1D31         pdb_00001d31 10.2210/pdb1d31/pdb 
RCSB  UDM010       ?            ?                   
WWPDB D_1000172636 ?            ?                   
# 
loop_
_pdbx_audit_revision_history.ordinal 
_pdbx_audit_revision_history.data_content_type 
_pdbx_audit_revision_history.major_revision 
_pdbx_audit_revision_history.minor_revision 
_pdbx_audit_revision_history.revision_date 
1 'Structure model' 1 0 1992-04-15 
2 'Structure model' 1 1 2008-05-22 
3 'Structure model' 1 2 2011-07-13 
4 'Structure model' 1 3 2024-02-07 
# 
_pdbx_audit_revision_details.ordinal             1 
_pdbx_audit_revision_details.revision_ordinal    1 
_pdbx_audit_revision_details.data_content_type   'Structure model' 
_pdbx_audit_revision_details.provider            repository 
_pdbx_audit_revision_details.type                'Initial release' 
_pdbx_audit_revision_details.description         ? 
_pdbx_audit_revision_details.details             ? 
# 
loop_
_pdbx_audit_revision_group.ordinal 
_pdbx_audit_revision_group.revision_ordinal 
_pdbx_audit_revision_group.data_content_type 
_pdbx_audit_revision_group.group 
1 2 'Structure model' 'Version format compliance' 
2 3 'Structure model' 'Version format compliance' 
3 4 'Structure model' 'Data collection'           
4 4 'Structure model' 'Database references'       
# 
loop_
_pdbx_audit_revision_category.ordinal 
_pdbx_audit_revision_category.revision_ordinal 
_pdbx_audit_revision_category.data_content_type 
_pdbx_audit_revision_category.category 
1 4 'Structure model' chem_comp_atom 
2 4 'Structure model' chem_comp_bond 
3 4 'Structure model' database_2     
# 
loop_
_pdbx_audit_revision_item.ordinal 
_pdbx_audit_revision_item.revision_ordinal 
_pdbx_audit_revision_item.data_content_type 
_pdbx_audit_revision_item.item 
1 4 'Structure model' '_database_2.pdbx_DOI'                
2 4 'Structure model' '_database_2.pdbx_database_accession' 
# 
_pdbx_database_status.status_code                     REL 
_pdbx_database_status.entry_id                        1D31 
_pdbx_database_status.recvd_initial_deposition_date   1991-04-25 
_pdbx_database_status.deposit_site                    BNL 
_pdbx_database_status.process_site                    NDB 
_pdbx_database_status.SG_entry                        . 
_pdbx_database_status.pdb_format_compatible           Y 
_pdbx_database_status.status_code_mr                  ? 
_pdbx_database_status.status_code_sf                  ? 
_pdbx_database_status.status_code_cs                  ? 
_pdbx_database_status.status_code_nmr_data            ? 
_pdbx_database_status.methods_development_category    ? 
# 
loop_
_audit_author.name 
_audit_author.pdbx_ordinal 
'Joshua-Tor, L.' 1 
'Frolow, F.'     2 
'Appella, E.'    3 
'Hope, H.'       4 
'Rabinovich, D.' 5 
'Sussman, J.L.'  6 
# 
loop_
_citation.id 
_citation.title 
_citation.journal_abbrev 
_citation.journal_volume 
_citation.page_first 
_citation.page_last 
_citation.year 
_citation.journal_id_ASTM 
_citation.country 
_citation.journal_id_ISSN 
_citation.journal_id_CSD 
_citation.book_publisher 
_citation.pdbx_database_id_PubMed 
_citation.pdbx_database_id_DOI 
primary 'Three-dimensional structures of bulge-containing DNA fragments.'             J.Mol.Biol. 225 397 431 1992 JMOBAK UK 
0022-2836 0070 ? 1593627 '10.1016/0022-2836(92)90929-E' 
1       'The Three-Dimensional Structure of a DNA Duplex Containing Looped-out Bases' Nature      334 82  84  1988 NATUAS UK 
0028-0836 0006 ? ?       ?                              
2       'Crystallization of a DNA Tridecamer d(CGCAGAATTCGCG)'                        J.Mol.Biol. 188 111 113 1986 JMOBAK UK 
0022-2836 0070 ? ?       ?                              
# 
loop_
_citation_author.citation_id 
_citation_author.name 
_citation_author.ordinal 
_citation_author.identifier_ORCID 
primary 'Joshua-Tor, L.' 1  ? 
primary 'Frolow, F.'     2  ? 
primary 'Appella, E.'    3  ? 
primary 'Hope, H.'       4  ? 
primary 'Rabinovich, D.' 5  ? 
primary 'Sussman, J.L.'  6  ? 
1       'Joshua-Tor, L.' 7  ? 
1       'Rabinovich, D.' 8  ? 
1       'Hope, H.'       9  ? 
1       'Frolow, F.'     10 ? 
1       'Appella, E.'    11 ? 
1       'Sussman, J.L.'  12 ? 
2       'Saper, M.A.'    13 ? 
2       'Eldar, H.'      14 ? 
2       'Mizuuchi, K.'   15 ? 
2       'Nickol, J.'     16 ? 
2       'Appella, E.'    17 ? 
2       'Sussman, J.L.'  18 ? 
# 
loop_
_entity.id 
_entity.type 
_entity.src_method 
_entity.pdbx_description 
_entity.formula_weight 
_entity.pdbx_number_of_molecules 
_entity.pdbx_ec 
_entity.pdbx_mutation 
_entity.pdbx_fragment 
_entity.details 
1 polymer syn 
;DNA (5'-D(*CP*GP*CP*AP*GP*AP*AP*TP*TP*CP*GP*CP*G)-3')
;
3976.599 2  ? ? ? ? 
2 water   nat water                                                   18.015   23 ? ? ? ? 
# 
_entity_poly.entity_id                      1 
_entity_poly.type                           polydeoxyribonucleotide 
_entity_poly.nstd_linkage                   no 
_entity_poly.nstd_monomer                   no 
_entity_poly.pdbx_seq_one_letter_code       '(DC)(DG)(DC)(DA)(DG)(DA)(DA)(DT)(DT)(DC)(DG)(DC)(DG)' 
_entity_poly.pdbx_seq_one_letter_code_can   CGCAGAATTCGCG 
_entity_poly.pdbx_strand_id                 A,B 
_entity_poly.pdbx_target_identifier         ? 
# 
_pdbx_entity_nonpoly.entity_id   2 
_pdbx_entity_nonpoly.name        water 
_pdbx_entity_nonpoly.comp_id     HOH 
# 
loop_
_entity_poly_seq.entity_id 
_entity_poly_seq.num 
_entity_poly_seq.mon_id 
_entity_poly_seq.hetero 
1 1  DC n 
1 2  DG n 
1 3  DC n 
1 4  DA n 
1 5  DG n 
1 6  DA n 
1 7  DA n 
1 8  DT n 
1 9  DT n 
1 10 DC n 
1 11 DG n 
1 12 DC n 
1 13 DG n 
# 
loop_
_chem_comp.id 
_chem_comp.type 
_chem_comp.mon_nstd_flag 
_chem_comp.name 
_chem_comp.pdbx_synonyms 
_chem_comp.formula 
_chem_comp.formula_weight 
DA  'DNA linking' y "2'-DEOXYADENOSINE-5'-MONOPHOSPHATE" ? 'C10 H14 N5 O6 P' 331.222 
DC  'DNA linking' y "2'-DEOXYCYTIDINE-5'-MONOPHOSPHATE"  ? 'C9 H14 N3 O7 P'  307.197 
DG  'DNA linking' y "2'-DEOXYGUANOSINE-5'-MONOPHOSPHATE" ? 'C10 H14 N5 O7 P' 347.221 
DT  'DNA linking' y "THYMIDINE-5'-MONOPHOSPHATE"         ? 'C10 H15 N2 O8 P' 322.208 
HOH non-polymer   . WATER                                ? 'H2 O'            18.015  
# 
loop_
_pdbx_poly_seq_scheme.asym_id 
_pdbx_poly_seq_scheme.entity_id 
_pdbx_poly_seq_scheme.seq_id 
_pdbx_poly_seq_scheme.mon_id 
_pdbx_poly_seq_scheme.ndb_seq_num 
_pdbx_poly_seq_scheme.pdb_seq_num 
_pdbx_poly_seq_scheme.auth_seq_num 
_pdbx_poly_seq_scheme.pdb_mon_id 
_pdbx_poly_seq_scheme.auth_mon_id 
_pdbx_poly_seq_scheme.pdb_strand_id 
_pdbx_poly_seq_scheme.pdb_ins_code 
_pdbx_poly_seq_scheme.hetero 
A 1 1  DC 1  1  1  DC C A . n 
A 1 2  DG 2  2  2  DG G A . n 
A 1 3  DC 3  3  3  DC C A . n 
A 1 4  DA 4  4  4  DA A A . n 
A 1 5  DG 5  5  5  DG G A . n 
A 1 6  DA 6  6  6  DA A A . n 
A 1 7  DA 7  7  7  DA A A . n 
A 1 8  DT 8  8  8  DT T A . n 
A 1 9  DT 9  9  9  DT T A . n 
A 1 10 DC 10 10 10 DC C A . n 
A 1 11 DG 11 11 11 DG G A . n 
A 1 12 DC 12 12 12 DC C A . n 
A 1 13 DG 13 13 13 DG G A . n 
B 1 1  DC 1  14 14 DC C B . n 
B 1 2  DG 2  15 15 DG G B . n 
B 1 3  DC 3  16 16 DC C B . n 
B 1 4  DA 4  17 17 DA A B . n 
B 1 5  DG 5  18 18 DG G B . n 
B 1 6  DA 6  19 19 DA A B . n 
B 1 7  DA 7  20 20 DA A B . n 
B 1 8  DT 8  21 21 DT T B . n 
B 1 9  DT 9  22 22 DT T B . n 
B 1 10 DC 10 23 23 DC C B . n 
B 1 11 DG 11 24 24 DG G B . n 
B 1 12 DC 12 25 25 DC C B . n 
B 1 13 DG 13 26 26 DG G B . n 
# 
loop_
_pdbx_nonpoly_scheme.asym_id 
_pdbx_nonpoly_scheme.entity_id 
_pdbx_nonpoly_scheme.mon_id 
_pdbx_nonpoly_scheme.ndb_seq_num 
_pdbx_nonpoly_scheme.pdb_seq_num 
_pdbx_nonpoly_scheme.auth_seq_num 
_pdbx_nonpoly_scheme.pdb_mon_id 
_pdbx_nonpoly_scheme.auth_mon_id 
_pdbx_nonpoly_scheme.pdb_strand_id 
_pdbx_nonpoly_scheme.pdb_ins_code 
C 2 HOH 1  27 27 HOH HOH A . 
C 2 HOH 2  30 30 HOH HOH A . 
C 2 HOH 3  33 33 HOH HOH A . 
C 2 HOH 4  34 34 HOH HOH A . 
C 2 HOH 5  36 36 HOH HOH A . 
C 2 HOH 6  37 37 HOH HOH A . 
C 2 HOH 7  38 38 HOH HOH A . 
C 2 HOH 8  39 39 HOH HOH A . 
C 2 HOH 9  42 42 HOH HOH A . 
C 2 HOH 10 43 43 HOH HOH A . 
C 2 HOH 11 44 44 HOH HOH A . 
C 2 HOH 12 48 48 HOH HOH A . 
D 2 HOH 1  28 28 HOH HOH B . 
D 2 HOH 2  29 29 HOH HOH B . 
D 2 HOH 3  31 31 HOH HOH B . 
D 2 HOH 4  32 32 HOH HOH B . 
D 2 HOH 5  35 35 HOH HOH B . 
D 2 HOH 6  40 40 HOH HOH B . 
D 2 HOH 7  41 41 HOH HOH B . 
D 2 HOH 8  45 45 HOH HOH B . 
D 2 HOH 9  46 46 HOH HOH B . 
D 2 HOH 10 47 47 HOH HOH B . 
D 2 HOH 11 49 49 HOH HOH B . 
# 
loop_
_software.name 
_software.classification 
_software.version 
_software.citation_id 
_software.pdbx_ordinal 
NUCLSQ refinement . ? 1 
X-PLOR refinement . ? 2 
# 
_cell.entry_id           1D31 
_cell.length_a           78.480 
_cell.length_b           42.840 
_cell.length_c           25.160 
_cell.angle_alpha        90.00 
_cell.angle_beta         99.36 
_cell.angle_gamma        90.00 
_cell.Z_PDB              8 
_cell.pdbx_unique_axis   ? 
# 
_symmetry.entry_id                         1D31 
_symmetry.space_group_name_H-M             'C 1 2 1' 
_symmetry.pdbx_full_space_group_name_H-M   ? 
_symmetry.cell_setting                     ? 
_symmetry.Int_Tables_number                5 
# 
_exptl.entry_id          1D31 
_exptl.method            'X-RAY DIFFRACTION' 
_exptl.crystals_number   ? 
# 
_exptl_crystal.id                    1 
_exptl_crystal.density_meas          ? 
_exptl_crystal.density_Matthews      2.62 
_exptl_crystal.density_percent_sol   53.12 
_exptl_crystal.description           ? 
# 
_exptl_crystal_grow.crystal_id      1 
_exptl_crystal_grow.method          'VAPOR DIFFUSION, SITTING DROP' 
_exptl_crystal_grow.temp            277.00 
_exptl_crystal_grow.temp_details    ? 
_exptl_crystal_grow.pH              7.00 
_exptl_crystal_grow.pdbx_details    'pH 7.00, VAPOR DIFFUSION, SITTING DROP, temperature 277.00K' 
_exptl_crystal_grow.pdbx_pH_range   ? 
# 
loop_
_exptl_crystal_grow_comp.crystal_id 
_exptl_crystal_grow_comp.id 
_exptl_crystal_grow_comp.sol_id 
_exptl_crystal_grow_comp.name 
_exptl_crystal_grow_comp.volume 
_exptl_crystal_grow_comp.conc 
_exptl_crystal_grow_comp.details 
1 1 1 WATER           ? ? ? 
1 2 1 MPD             ? ? ? 
1 3 1 SPERMINE        ? ? ? 
1 4 1 MGCL2           ? ? ? 
1 5 1 'NA CACODYLATE' ? ? ? 
1 6 2 WATER           ? ? ? 
1 7 2 MPD             ? ? ? 
1 8 2 NACL            ? ? ? 
# 
_diffrn.id                     1 
_diffrn.ambient_temp           120.00 
_diffrn.ambient_temp_details   ? 
_diffrn.crystal_id             1 
# 
_diffrn_detector.diffrn_id              1 
_diffrn_detector.detector               DIFFRACTOMETER 
_diffrn_detector.type                   'RIGAKU AFC-5R' 
_diffrn_detector.pdbx_collection_date   ? 
_diffrn_detector.details                ? 
# 
_diffrn_radiation.diffrn_id                        1 
_diffrn_radiation.wavelength_id                    1 
_diffrn_radiation.pdbx_monochromatic_or_laue_m_l   ? 
_diffrn_radiation.monochromator                    ? 
_diffrn_radiation.pdbx_diffrn_protocol             ? 
_diffrn_radiation.pdbx_scattering_type             x-ray 
# 
_diffrn_radiation_wavelength.id           1 
_diffrn_radiation_wavelength.wavelength   1.5418 
_diffrn_radiation_wavelength.wt           1.0 
# 
_diffrn_source.diffrn_id                   1 
_diffrn_source.source                      'ROTATING ANODE' 
_diffrn_source.type                        RIGAKU 
_diffrn_source.pdbx_synchrotron_site       ? 
_diffrn_source.pdbx_synchrotron_beamline   ? 
_diffrn_source.pdbx_wavelength             1.5418 
_diffrn_source.pdbx_wavelength_list        ? 
# 
_reflns.entry_id                     1D31 
_reflns.observed_criterion_sigma_I   ? 
_reflns.observed_criterion_sigma_F   ? 
_reflns.d_resolution_low             ? 
_reflns.d_resolution_high            2.000 
_reflns.number_obs                   5530 
_reflns.number_all                   6792 
_reflns.percent_possible_obs         ? 
_reflns.pdbx_Rmerge_I_obs            ? 
_reflns.pdbx_Rsym_value              ? 
_reflns.pdbx_netI_over_sigmaI        ? 
_reflns.B_iso_Wilson_estimate        ? 
_reflns.pdbx_redundancy              ? 
_reflns.pdbx_diffrn_id               1 
_reflns.pdbx_ordinal                 1 
# 
_refine.entry_id                                 1D31 
_refine.ls_number_reflns_obs                     1640 
_refine.ls_number_reflns_all                     ? 
_refine.pdbx_ls_sigma_I                          ? 
_refine.pdbx_ls_sigma_F                          3.000 
_refine.pdbx_data_cutoff_high_absF               ? 
_refine.pdbx_data_cutoff_low_absF                ? 
_refine.pdbx_data_cutoff_high_rms_absF           ? 
_refine.ls_d_res_low                             10.000 
_refine.ls_d_res_high                            2.600 
_refine.ls_percent_reflns_obs                    ? 
_refine.ls_R_factor_obs                          0.1860000 
_refine.ls_R_factor_all                          ? 
_refine.ls_R_factor_R_work                       ? 
_refine.ls_R_factor_R_free                       ? 
_refine.ls_R_factor_R_free_error                 ? 
_refine.ls_R_factor_R_free_error_details         ? 
_refine.ls_percent_reflns_R_free                 ? 
_refine.ls_number_reflns_R_free                  ? 
_refine.ls_number_parameters                     ? 
_refine.ls_number_restraints                     ? 
_refine.occupancy_min                            ? 
_refine.occupancy_max                            ? 
_refine.B_iso_mean                               ? 
_refine.aniso_B[1][1]                            ? 
_refine.aniso_B[2][2]                            ? 
_refine.aniso_B[3][3]                            ? 
_refine.aniso_B[1][2]                            ? 
_refine.aniso_B[1][3]                            ? 
_refine.aniso_B[2][3]                            ? 
_refine.solvent_model_details                    ? 
_refine.solvent_model_param_ksol                 ? 
_refine.solvent_model_param_bsol                 ? 
_refine.pdbx_ls_cross_valid_method               ? 
_refine.details                                  ? 
_refine.pdbx_starting_model                      ? 
_refine.pdbx_method_to_determine_struct          ? 
_refine.pdbx_isotropic_thermal_model             ? 
_refine.pdbx_stereochemistry_target_values       ? 
_refine.pdbx_stereochem_target_val_spec_case     ? 
_refine.pdbx_R_Free_selection_details            ? 
_refine.pdbx_overall_ESU_R                       ? 
_refine.pdbx_overall_ESU_R_Free                  ? 
_refine.overall_SU_ML                            ? 
_refine.overall_SU_B                             ? 
_refine.pdbx_refine_id                           'X-RAY DIFFRACTION' 
_refine.pdbx_diffrn_id                           1 
_refine.pdbx_TLS_residual_ADP_flag               ? 
_refine.correlation_coeff_Fo_to_Fc               ? 
_refine.correlation_coeff_Fo_to_Fc_free          ? 
_refine.pdbx_solvent_vdw_probe_radii             ? 
_refine.pdbx_solvent_ion_probe_radii             ? 
_refine.pdbx_solvent_shrinkage_radii             ? 
_refine.pdbx_overall_phase_error                 ? 
_refine.overall_SU_R_Cruickshank_DPI             ? 
_refine.pdbx_overall_SU_R_free_Cruickshank_DPI   ? 
_refine.pdbx_overall_SU_R_Blow_DPI               ? 
_refine.pdbx_overall_SU_R_free_Blow_DPI          ? 
# 
_refine_hist.pdbx_refine_id                   'X-RAY DIFFRACTION' 
_refine_hist.cycle_id                         LAST 
_refine_hist.pdbx_number_atoms_protein        0 
_refine_hist.pdbx_number_atoms_nucleic_acid   528 
_refine_hist.pdbx_number_atoms_ligand         0 
_refine_hist.number_atoms_solvent             23 
_refine_hist.number_atoms_total               551 
_refine_hist.d_res_high                       2.600 
_refine_hist.d_res_low                        10.000 
# 
_struct.entry_id                  1D31 
_struct.title                     'THE THREE-DIMENSIONAL STRUCTURES OF BULGE-CONTAINING DNA FRAGMENTS' 
_struct.pdbx_model_details        ? 
_struct.pdbx_CASP_flag            ? 
_struct.pdbx_model_type_details   ? 
# 
_struct_keywords.entry_id        1D31 
_struct_keywords.pdbx_keywords   DNA 
_struct_keywords.text            'B-DNA, DOUBLE HELIX, BULGES, FLIPPED-OUT BASE, DNA' 
# 
loop_
_struct_asym.id 
_struct_asym.pdbx_blank_PDB_chainid_flag 
_struct_asym.pdbx_modified 
_struct_asym.entity_id 
_struct_asym.details 
A N N 1 ? 
B N N 1 ? 
C N N 2 ? 
D N N 2 ? 
# 
_struct_ref.id                         1 
_struct_ref.entity_id                  1 
_struct_ref.db_name                    PDB 
_struct_ref.db_code                    1D31 
_struct_ref.pdbx_db_accession          1D31 
_struct_ref.pdbx_db_isoform            ? 
_struct_ref.pdbx_seq_one_letter_code   ? 
_struct_ref.pdbx_align_begin           ? 
# 
loop_
_struct_ref_seq.align_id 
_struct_ref_seq.ref_id 
_struct_ref_seq.pdbx_PDB_id_code 
_struct_ref_seq.pdbx_strand_id 
_struct_ref_seq.seq_align_beg 
_struct_ref_seq.pdbx_seq_align_beg_ins_code 
_struct_ref_seq.seq_align_end 
_struct_ref_seq.pdbx_seq_align_end_ins_code 
_struct_ref_seq.pdbx_db_accession 
_struct_ref_seq.db_align_beg 
_struct_ref_seq.pdbx_db_align_beg_ins_code 
_struct_ref_seq.db_align_end 
_struct_ref_seq.pdbx_db_align_end_ins_code 
_struct_ref_seq.pdbx_auth_seq_align_beg 
_struct_ref_seq.pdbx_auth_seq_align_end 
1 1 1D31 A 1 ? 13 ? 1D31 1  ? 13 ? 1  13 
2 1 1D31 B 1 ? 13 ? 1D31 14 ? 26 ? 14 26 
# 
_pdbx_struct_assembly.id                   1 
_pdbx_struct_assembly.details              author_defined_assembly 
_pdbx_struct_assembly.method_details       ? 
_pdbx_struct_assembly.oligomeric_details   dimeric 
_pdbx_struct_assembly.oligomeric_count     2 
# 
_pdbx_struct_assembly_gen.assembly_id       1 
_pdbx_struct_assembly_gen.oper_expression   1 
_pdbx_struct_assembly_gen.asym_id_list      A,B,C,D 
# 
_pdbx_struct_oper_list.id                   1 
_pdbx_struct_oper_list.type                 'identity operation' 
_pdbx_struct_oper_list.name                 1_555 
_pdbx_struct_oper_list.symmetry_operation   x,y,z 
_pdbx_struct_oper_list.matrix[1][1]         1.0000000000 
_pdbx_struct_oper_list.matrix[1][2]         0.0000000000 
_pdbx_struct_oper_list.matrix[1][3]         0.0000000000 
_pdbx_struct_oper_list.vector[1]            0.0000000000 
_pdbx_struct_oper_list.matrix[2][1]         0.0000000000 
_pdbx_struct_oper_list.matrix[2][2]         1.0000000000 
_pdbx_struct_oper_list.matrix[2][3]         0.0000000000 
_pdbx_struct_oper_list.vector[2]            0.0000000000 
_pdbx_struct_oper_list.matrix[3][1]         0.0000000000 
_pdbx_struct_oper_list.matrix[3][2]         0.0000000000 
_pdbx_struct_oper_list.matrix[3][3]         1.0000000000 
_pdbx_struct_oper_list.vector[3]            0.0000000000 
# 
_struct_biol.id   1 
# 
loop_
_struct_conn.id 
_struct_conn.conn_type_id 
_struct_conn.pdbx_leaving_atom_flag 
_struct_conn.pdbx_PDB_id 
_struct_conn.ptnr1_label_asym_id 
_struct_conn.ptnr1_label_comp_id 
_struct_conn.ptnr1_label_seq_id 
_struct_conn.ptnr1_label_atom_id 
_struct_conn.pdbx_ptnr1_label_alt_id 
_struct_conn.pdbx_ptnr1_PDB_ins_code 
_struct_conn.pdbx_ptnr1_standard_comp_id 
_struct_conn.ptnr1_symmetry 
_struct_conn.ptnr2_label_asym_id 
_struct_conn.ptnr2_label_comp_id 
_struct_conn.ptnr2_label_seq_id 
_struct_conn.ptnr2_label_atom_id 
_struct_conn.pdbx_ptnr2_label_alt_id 
_struct_conn.pdbx_ptnr2_PDB_ins_code 
_struct_conn.ptnr1_auth_asym_id 
_struct_conn.ptnr1_auth_comp_id 
_struct_conn.ptnr1_auth_seq_id 
_struct_conn.ptnr2_auth_asym_id 
_struct_conn.ptnr2_auth_comp_id 
_struct_conn.ptnr2_auth_seq_id 
_struct_conn.ptnr2_symmetry 
_struct_conn.pdbx_ptnr3_label_atom_id 
_struct_conn.pdbx_ptnr3_label_seq_id 
_struct_conn.pdbx_ptnr3_label_comp_id 
_struct_conn.pdbx_ptnr3_label_asym_id 
_struct_conn.pdbx_ptnr3_label_alt_id 
_struct_conn.pdbx_ptnr3_PDB_ins_code 
_struct_conn.details 
_struct_conn.pdbx_dist_value 
_struct_conn.pdbx_value_order 
_struct_conn.pdbx_role 
hydrog1  hydrog ? ? A DG 2  N1 ? ? ? 1_555 B DC 12 N3 ? ? A DG 2  B DC 25 1_555 ? ? ? ? ? ? WATSON-CRICK ? ? ? 
hydrog2  hydrog ? ? A DG 2  N2 ? ? ? 1_555 B DC 12 O2 ? ? A DG 2  B DC 25 1_555 ? ? ? ? ? ? WATSON-CRICK ? ? ? 
hydrog3  hydrog ? ? A DG 2  O6 ? ? ? 1_555 B DC 12 N4 ? ? A DG 2  B DC 25 1_555 ? ? ? ? ? ? WATSON-CRICK ? ? ? 
hydrog4  hydrog ? ? A DC 3  N3 ? ? ? 1_555 B DG 11 N1 ? ? A DC 3  B DG 24 1_555 ? ? ? ? ? ? WATSON-CRICK ? ? ? 
hydrog5  hydrog ? ? A DC 3  N4 ? ? ? 1_555 B DG 11 O6 ? ? A DC 3  B DG 24 1_555 ? ? ? ? ? ? WATSON-CRICK ? ? ? 
hydrog6  hydrog ? ? A DC 3  O2 ? ? ? 1_555 B DG 11 N2 ? ? A DC 3  B DG 24 1_555 ? ? ? ? ? ? WATSON-CRICK ? ? ? 
hydrog7  hydrog ? ? A DG 5  N1 ? ? ? 1_555 B DC 10 N3 ? ? A DG 5  B DC 23 1_555 ? ? ? ? ? ? WATSON-CRICK ? ? ? 
hydrog8  hydrog ? ? A DG 5  N2 ? ? ? 1_555 B DC 10 O2 ? ? A DG 5  B DC 23 1_555 ? ? ? ? ? ? WATSON-CRICK ? ? ? 
hydrog9  hydrog ? ? A DG 5  O6 ? ? ? 1_555 B DC 10 N4 ? ? A DG 5  B DC 23 1_555 ? ? ? ? ? ? WATSON-CRICK ? ? ? 
hydrog10 hydrog ? ? A DA 6  N1 ? ? ? 1_555 B DT 9  N3 ? ? A DA 6  B DT 22 1_555 ? ? ? ? ? ? WATSON-CRICK ? ? ? 
hydrog11 hydrog ? ? A DA 6  N6 ? ? ? 1_555 B DT 9  O4 ? ? A DA 6  B DT 22 1_555 ? ? ? ? ? ? WATSON-CRICK ? ? ? 
hydrog12 hydrog ? ? A DA 7  N1 ? ? ? 1_555 B DT 8  N3 ? ? A DA 7  B DT 21 1_555 ? ? ? ? ? ? WATSON-CRICK ? ? ? 
hydrog13 hydrog ? ? A DA 7  N6 ? ? ? 1_555 B DT 8  O4 ? ? A DA 7  B DT 21 1_555 ? ? ? ? ? ? WATSON-CRICK ? ? ? 
hydrog14 hydrog ? ? A DT 8  N3 ? ? ? 1_555 B DA 7  N1 ? ? A DT 8  B DA 20 1_555 ? ? ? ? ? ? WATSON-CRICK ? ? ? 
hydrog15 hydrog ? ? A DT 8  O4 ? ? ? 1_555 B DA 7  N6 ? ? A DT 8  B DA 20 1_555 ? ? ? ? ? ? WATSON-CRICK ? ? ? 
hydrog16 hydrog ? ? A DT 9  N3 ? ? ? 1_555 B DA 6  N1 ? ? A DT 9  B DA 19 1_555 ? ? ? ? ? ? WATSON-CRICK ? ? ? 
hydrog17 hydrog ? ? A DT 9  O4 ? ? ? 1_555 B DA 6  N6 ? ? A DT 9  B DA 19 1_555 ? ? ? ? ? ? WATSON-CRICK ? ? ? 
hydrog18 hydrog ? ? A DC 10 N3 ? ? ? 1_555 B DG 5  N1 ? ? A DC 10 B DG 18 1_555 ? ? ? ? ? ? WATSON-CRICK ? ? ? 
hydrog19 hydrog ? ? A DC 10 N4 ? ? ? 1_555 B DG 5  O6 ? ? A DC 10 B DG 18 1_555 ? ? ? ? ? ? WATSON-CRICK ? ? ? 
hydrog20 hydrog ? ? A DC 10 O2 ? ? ? 1_555 B DG 5  N2 ? ? A DC 10 B DG 18 1_555 ? ? ? ? ? ? WATSON-CRICK ? ? ? 
hydrog21 hydrog ? ? A DG 11 N1 ? ? ? 1_555 B DC 3  N3 ? ? A DG 11 B DC 16 1_555 ? ? ? ? ? ? WATSON-CRICK ? ? ? 
hydrog22 hydrog ? ? A DG 11 N2 ? ? ? 1_555 B DC 3  O2 ? ? A DG 11 B DC 16 1_555 ? ? ? ? ? ? WATSON-CRICK ? ? ? 
hydrog23 hydrog ? ? A DG 11 O6 ? ? ? 1_555 B DC 3  N4 ? ? A DG 11 B DC 16 1_555 ? ? ? ? ? ? WATSON-CRICK ? ? ? 
hydrog24 hydrog ? ? A DC 12 N3 ? ? ? 1_555 B DG 2  N1 ? ? A DC 12 B DG 15 1_555 ? ? ? ? ? ? WATSON-CRICK ? ? ? 
hydrog25 hydrog ? ? A DC 12 N4 ? ? ? 1_555 B DG 2  O6 ? ? A DC 12 B DG 15 1_555 ? ? ? ? ? ? WATSON-CRICK ? ? ? 
hydrog26 hydrog ? ? A DC 12 O2 ? ? ? 1_555 B DG 2  N2 ? ? A DC 12 B DG 15 1_555 ? ? ? ? ? ? WATSON-CRICK ? ? ? 
hydrog27 hydrog ? ? A DG 13 N1 ? ? ? 1_555 B DC 1  N3 ? ? A DG 13 B DC 14 1_555 ? ? ? ? ? ? WATSON-CRICK ? ? ? 
hydrog28 hydrog ? ? A DG 13 N2 ? ? ? 1_555 B DC 1  O2 ? ? A DG 13 B DC 14 1_555 ? ? ? ? ? ? WATSON-CRICK ? ? ? 
hydrog29 hydrog ? ? A DG 13 O6 ? ? ? 1_555 B DC 1  N4 ? ? A DG 13 B DC 14 1_555 ? ? ? ? ? ? WATSON-CRICK ? ? ? 
# 
_struct_conn_type.id          hydrog 
_struct_conn_type.criteria    ? 
_struct_conn_type.reference   ? 
# 
loop_
_pdbx_validate_close_contact.id 
_pdbx_validate_close_contact.PDB_model_num 
_pdbx_validate_close_contact.auth_atom_id_1 
_pdbx_validate_close_contact.auth_asym_id_1 
_pdbx_validate_close_contact.auth_comp_id_1 
_pdbx_validate_close_contact.auth_seq_id_1 
_pdbx_validate_close_contact.PDB_ins_code_1 
_pdbx_validate_close_contact.label_alt_id_1 
_pdbx_validate_close_contact.auth_atom_id_2 
_pdbx_validate_close_contact.auth_asym_id_2 
_pdbx_validate_close_contact.auth_comp_id_2 
_pdbx_validate_close_contact.auth_seq_id_2 
_pdbx_validate_close_contact.PDB_ins_code_2 
_pdbx_validate_close_contact.label_alt_id_2 
_pdbx_validate_close_contact.dist 
1 1 OP2 B DT 21 ? ? O B HOH 47 ? ? 1.92 
2 1 OP1 B DG 26 ? ? O B HOH 41 ? ? 2.01 
3 1 OP2 A DG 11 ? ? O A HOH 33 ? ? 2.15 
# 
loop_
_pdbx_validate_symm_contact.id 
_pdbx_validate_symm_contact.PDB_model_num 
_pdbx_validate_symm_contact.auth_atom_id_1 
_pdbx_validate_symm_contact.auth_asym_id_1 
_pdbx_validate_symm_contact.auth_comp_id_1 
_pdbx_validate_symm_contact.auth_seq_id_1 
_pdbx_validate_symm_contact.PDB_ins_code_1 
_pdbx_validate_symm_contact.label_alt_id_1 
_pdbx_validate_symm_contact.site_symmetry_1 
_pdbx_validate_symm_contact.auth_atom_id_2 
_pdbx_validate_symm_contact.auth_asym_id_2 
_pdbx_validate_symm_contact.auth_comp_id_2 
_pdbx_validate_symm_contact.auth_seq_id_2 
_pdbx_validate_symm_contact.PDB_ins_code_2 
_pdbx_validate_symm_contact.label_alt_id_2 
_pdbx_validate_symm_contact.site_symmetry_2 
_pdbx_validate_symm_contact.dist 
1 1 O     B HOH 41 ? ? 1_555 O     B HOH 41 ? ? 2_555 1.24 
2 1 "O5'" A DC  1  ? ? 1_555 "O4'" B DC  14 ? ? 3_444 2.15 
# 
_pdbx_validate_rmsd_bond.id                        1 
_pdbx_validate_rmsd_bond.PDB_model_num             1 
_pdbx_validate_rmsd_bond.auth_atom_id_1            "C2'" 
_pdbx_validate_rmsd_bond.auth_asym_id_1            B 
_pdbx_validate_rmsd_bond.auth_comp_id_1            DT 
_pdbx_validate_rmsd_bond.auth_seq_id_1             22 
_pdbx_validate_rmsd_bond.PDB_ins_code_1            ? 
_pdbx_validate_rmsd_bond.label_alt_id_1            ? 
_pdbx_validate_rmsd_bond.auth_atom_id_2            "C1'" 
_pdbx_validate_rmsd_bond.auth_asym_id_2            B 
_pdbx_validate_rmsd_bond.auth_comp_id_2            DT 
_pdbx_validate_rmsd_bond.auth_seq_id_2             22 
_pdbx_validate_rmsd_bond.PDB_ins_code_2            ? 
_pdbx_validate_rmsd_bond.label_alt_id_2            ? 
_pdbx_validate_rmsd_bond.bond_value                1.451 
_pdbx_validate_rmsd_bond.bond_target_value         1.518 
_pdbx_validate_rmsd_bond.bond_deviation            -0.067 
_pdbx_validate_rmsd_bond.bond_standard_deviation   0.010 
_pdbx_validate_rmsd_bond.linker_flag               N 
# 
loop_
_pdbx_validate_rmsd_angle.id 
_pdbx_validate_rmsd_angle.PDB_model_num 
_pdbx_validate_rmsd_angle.auth_atom_id_1 
_pdbx_validate_rmsd_angle.auth_asym_id_1 
_pdbx_validate_rmsd_angle.auth_comp_id_1 
_pdbx_validate_rmsd_angle.auth_seq_id_1 
_pdbx_validate_rmsd_angle.PDB_ins_code_1 
_pdbx_validate_rmsd_angle.label_alt_id_1 
_pdbx_validate_rmsd_angle.auth_atom_id_2 
_pdbx_validate_rmsd_angle.auth_asym_id_2 
_pdbx_validate_rmsd_angle.auth_comp_id_2 
_pdbx_validate_rmsd_angle.auth_seq_id_2 
_pdbx_validate_rmsd_angle.PDB_ins_code_2 
_pdbx_validate_rmsd_angle.label_alt_id_2 
_pdbx_validate_rmsd_angle.auth_atom_id_3 
_pdbx_validate_rmsd_angle.auth_asym_id_3 
_pdbx_validate_rmsd_angle.auth_comp_id_3 
_pdbx_validate_rmsd_angle.auth_seq_id_3 
_pdbx_validate_rmsd_angle.PDB_ins_code_3 
_pdbx_validate_rmsd_angle.label_alt_id_3 
_pdbx_validate_rmsd_angle.angle_value 
_pdbx_validate_rmsd_angle.angle_target_value 
_pdbx_validate_rmsd_angle.angle_deviation 
_pdbx_validate_rmsd_angle.angle_standard_deviation 
_pdbx_validate_rmsd_angle.linker_flag 
1  1 "C5'" A DC 1  ? ? "C4'" A DC 1  ? ? "C3'" A DC 1  ? ? 101.82 114.10 -12.28 1.80 N 
2  1 OP1   A DG 2  ? ? P     A DG 2  ? ? OP2   A DG 2  ? ? 108.41 119.60 -11.19 1.50 N 
3  1 "O4'" A DG 2  ? ? "C1'" A DG 2  ? ? N9    A DG 2  ? ? 102.17 108.00 -5.83  0.70 N 
4  1 "O4'" A DC 3  ? ? "C1'" A DC 3  ? ? N1    A DC 3  ? ? 111.09 108.30 2.79   0.30 N 
5  1 OP1   A DA 4  ? ? P     A DA 4  ? ? OP2   A DA 4  ? ? 108.79 119.60 -10.81 1.50 N 
6  1 OP1   A DG 5  ? ? P     A DG 5  ? ? OP2   A DG 5  ? ? 109.27 119.60 -10.33 1.50 N 
7  1 "O4'" A DG 5  ? ? "C1'" A DG 5  ? ? N9    A DG 5  ? ? 119.72 108.30 11.42  0.30 N 
8  1 C5    A DG 5  ? ? C6    A DG 5  ? ? N1    A DG 5  ? ? 114.60 111.50 3.10   0.50 N 
9  1 "C3'" A DG 5  ? ? "O3'" A DG 5  ? ? P     A DA 6  ? ? 111.24 119.70 -8.46  1.20 Y 
10 1 OP1   A DA 6  ? ? P     A DA 6  ? ? OP2   A DA 6  ? ? 107.34 119.60 -12.26 1.50 N 
11 1 N1    A DA 6  ? ? C2    A DA 6  ? ? N3    A DA 6  ? ? 126.00 129.30 -3.30  0.50 N 
12 1 OP1   A DA 7  ? ? P     A DA 7  ? ? OP2   A DA 7  ? ? 108.65 119.60 -10.95 1.50 N 
13 1 C6    A DA 7  ? ? N1    A DA 7  ? ? C2    A DA 7  ? ? 122.30 118.60 3.70   0.60 N 
14 1 N1    A DA 7  ? ? C2    A DA 7  ? ? N3    A DA 7  ? ? 126.17 129.30 -3.13  0.50 N 
15 1 C5    A DA 7  ? ? C6    A DA 7  ? ? N1    A DA 7  ? ? 114.09 117.70 -3.61  0.50 N 
16 1 OP1   A DT 8  ? ? P     A DT 8  ? ? OP2   A DT 8  ? ? 109.72 119.60 -9.88  1.50 N 
17 1 "O4'" A DT 8  ? ? "C1'" A DT 8  ? ? N1    A DT 8  ? ? 112.33 108.30 4.03   0.30 N 
18 1 N1    A DT 8  ? ? C2    A DT 8  ? ? N3    A DT 8  ? ? 118.77 114.60 4.17   0.60 N 
19 1 C2    A DT 8  ? ? N3    A DT 8  ? ? C4    A DT 8  ? ? 121.11 127.20 -6.09  0.60 N 
20 1 N3    A DT 8  ? ? C4    A DT 8  ? ? C5    A DT 8  ? ? 119.90 115.20 4.70   0.60 N 
21 1 C5    A DT 8  ? ? C4    A DT 8  ? ? O4    A DT 8  ? ? 119.43 124.90 -5.47  0.70 N 
22 1 OP1   A DT 9  ? ? P     A DT 9  ? ? OP2   A DT 9  ? ? 105.78 119.60 -13.82 1.50 N 
23 1 C2    A DT 9  ? ? N3    A DT 9  ? ? C4    A DT 9  ? ? 123.49 127.20 -3.71  0.60 N 
24 1 "C3'" A DC 10 ? ? "O3'" A DC 10 ? ? P     A DG 11 ? ? 133.36 119.70 13.66  1.20 Y 
25 1 C6    A DG 11 ? ? N1    A DG 11 ? ? C2    A DG 11 ? ? 120.41 125.10 -4.69  0.60 N 
26 1 C5    A DG 11 ? ? C6    A DG 11 ? ? N1    A DG 11 ? ? 114.85 111.50 3.35   0.50 N 
27 1 "C3'" A DG 11 ? ? "O3'" A DG 11 ? ? P     A DC 12 ? ? 129.33 119.70 9.63   1.20 Y 
28 1 "O4'" A DC 12 ? ? "C1'" A DC 12 ? ? N1    A DC 12 ? ? 113.93 108.30 5.63   0.30 N 
29 1 C2    A DC 12 ? ? N3    A DC 12 ? ? C4    A DC 12 ? ? 123.09 119.90 3.19   0.50 N 
30 1 "C3'" A DC 12 ? ? "O3'" A DC 12 ? ? P     A DG 13 ? ? 135.25 119.70 15.55  1.20 Y 
31 1 "C5'" A DG 13 ? ? "C4'" A DG 13 ? ? "C3'" A DG 13 ? ? 102.79 114.10 -11.31 1.80 N 
32 1 "C5'" B DC 14 ? ? "C4'" B DC 14 ? ? "C3'" B DC 14 ? ? 102.74 114.10 -11.36 1.80 N 
33 1 "O4'" B DC 14 ? ? "C1'" B DC 14 ? ? N1    B DC 14 ? ? 112.81 108.30 4.51   0.30 N 
34 1 "C5'" B DG 15 ? ? "C4'" B DG 15 ? ? "C3'" B DG 15 ? ? 101.99 114.10 -12.11 1.80 N 
35 1 "O3'" B DG 15 ? ? P     B DC 16 ? ? "O5'" B DC 16 ? ? 115.90 104.00 11.90  1.90 Y 
36 1 OP1   B DC 16 ? ? P     B DC 16 ? ? OP2   B DC 16 ? ? 107.99 119.60 -11.61 1.50 N 
37 1 OP1   B DA 17 ? ? P     B DA 17 ? ? OP2   B DA 17 ? ? 109.58 119.60 -10.02 1.50 N 
38 1 "O4'" B DA 17 ? ? "C1'" B DA 17 ? ? N9    B DA 17 ? ? 114.23 108.30 5.93   0.30 N 
39 1 C5    B DA 17 ? ? C6    B DA 17 ? ? N1    B DA 17 ? ? 114.48 117.70 -3.22  0.50 N 
40 1 "C3'" B DA 17 ? ? "O3'" B DA 17 ? ? P     B DG 18 ? ? 138.61 119.70 18.91  1.20 Y 
41 1 OP1   B DG 18 ? ? P     B DG 18 ? ? OP2   B DG 18 ? ? 103.32 119.60 -16.28 1.50 N 
42 1 N9    B DG 18 ? ? "C1'" B DG 18 ? ? "C2'" B DG 18 ? ? 126.99 114.30 12.69  1.40 N 
43 1 "O4'" B DG 18 ? ? "C1'" B DG 18 ? ? N9    B DG 18 ? ? 111.70 108.30 3.40   0.30 N 
44 1 C8    B DG 18 ? ? N9    B DG 18 ? ? C4    B DG 18 ? ? 103.90 106.40 -2.50  0.40 N 
45 1 OP1   B DA 19 ? ? P     B DA 19 ? ? OP2   B DA 19 ? ? 109.94 119.60 -9.66  1.50 N 
46 1 OP1   B DA 20 ? ? P     B DA 20 ? ? OP2   B DA 20 ? ? 107.70 119.60 -11.90 1.50 N 
47 1 OP1   B DT 21 ? ? P     B DT 21 ? ? OP2   B DT 21 ? ? 108.66 119.60 -10.94 1.50 N 
48 1 "O4'" B DT 21 ? ? "C1'" B DT 21 ? ? N1    B DT 21 ? ? 113.01 108.30 4.71   0.30 N 
49 1 "C5'" B DT 22 ? ? "C4'" B DT 22 ? ? "C3'" B DT 22 ? ? 101.42 114.10 -12.68 1.80 N 
50 1 "O4'" B DT 22 ? ? "C1'" B DT 22 ? ? "C2'" B DT 22 ? ? 112.20 106.80 5.40   0.50 N 
51 1 N1    B DT 22 ? ? "C1'" B DT 22 ? ? "C2'" B DT 22 ? ? 129.30 114.30 15.00  1.40 N 
52 1 "O4'" B DT 22 ? ? "C1'" B DT 22 ? ? N1    B DT 22 ? ? 118.40 108.30 10.10  0.30 N 
53 1 C6    B DT 22 ? ? N1    B DT 22 ? ? C2    B DT 22 ? ? 118.27 121.30 -3.03  0.50 N 
54 1 N1    B DT 22 ? ? C2    B DT 22 ? ? N3    B DT 22 ? ? 118.39 114.60 3.79   0.60 N 
55 1 C2    B DT 22 ? ? N3    B DT 22 ? ? C4    B DT 22 ? ? 123.57 127.20 -3.63  0.60 N 
56 1 "C3'" B DT 22 ? ? "O3'" B DT 22 ? ? P     B DC 23 ? ? 129.27 119.70 9.57   1.20 Y 
57 1 OP1   B DC 23 ? ? P     B DC 23 ? ? OP2   B DC 23 ? ? 108.78 119.60 -10.82 1.50 N 
58 1 "C5'" B DC 23 ? ? "C4'" B DC 23 ? ? "C3'" B DC 23 ? ? 102.39 114.10 -11.71 1.80 N 
59 1 C2    B DC 23 ? ? N3    B DC 23 ? ? C4    B DC 23 ? ? 123.05 119.90 3.15   0.50 N 
60 1 N3    B DC 23 ? ? C4    B DC 23 ? ? C5    B DC 23 ? ? 119.35 121.90 -2.55  0.40 N 
61 1 "C3'" B DC 23 ? ? "O3'" B DC 23 ? ? P     B DG 24 ? ? 128.12 119.70 8.42   1.20 Y 
62 1 OP1   B DG 24 ? ? P     B DG 24 ? ? OP2   B DG 24 ? ? 107.94 119.60 -11.66 1.50 N 
63 1 OP1   B DC 25 ? ? P     B DC 25 ? ? OP2   B DC 25 ? ? 106.11 119.60 -13.49 1.50 N 
64 1 "C5'" B DC 25 ? ? "C4'" B DC 25 ? ? "C3'" B DC 25 ? ? 102.02 114.10 -12.08 1.80 N 
65 1 "O4'" B DC 25 ? ? "C1'" B DC 25 ? ? "C2'" B DC 25 ? ? 109.98 106.80 3.18   0.50 N 
66 1 "C5'" B DG 26 ? ? "C4'" B DG 26 ? ? "C3'" B DG 26 ? ? 101.46 114.10 -12.64 1.80 N 
# 
_pdbx_validate_chiral.id              1 
_pdbx_validate_chiral.PDB_model_num   1 
_pdbx_validate_chiral.auth_atom_id    "C1'" 
_pdbx_validate_chiral.label_alt_id    ? 
_pdbx_validate_chiral.auth_asym_id    B 
_pdbx_validate_chiral.auth_comp_id    DT 
_pdbx_validate_chiral.auth_seq_id     22 
_pdbx_validate_chiral.PDB_ins_code    ? 
_pdbx_validate_chiral.details         PLANAR 
_pdbx_validate_chiral.omega           . 
# 
loop_
_pdbx_validate_planes.id 
_pdbx_validate_planes.PDB_model_num 
_pdbx_validate_planes.auth_comp_id 
_pdbx_validate_planes.auth_asym_id 
_pdbx_validate_planes.auth_seq_id 
_pdbx_validate_planes.PDB_ins_code 
_pdbx_validate_planes.label_alt_id 
_pdbx_validate_planes.rmsd 
_pdbx_validate_planes.type 
1 1 DG A 2  ? ? 0.049 'SIDE CHAIN' 
2 1 DC B 25 ? ? 0.069 'SIDE CHAIN' 
# 
loop_
_refine_B_iso.class 
_refine_B_iso.details 
_refine_B_iso.treatment 
_refine_B_iso.pdbx_refine_id 
'ALL ATOMS'  TR isotropic 'X-RAY DIFFRACTION' 
'ALL WATERS' TR isotropic 'X-RAY DIFFRACTION' 
# 
loop_
_refine_occupancy.class 
_refine_occupancy.treatment 
_refine_occupancy.pdbx_refine_id 
'ALL ATOMS'  fix 'X-RAY DIFFRACTION' 
'ALL WATERS' fix 'X-RAY DIFFRACTION' 
# 
loop_
_chem_comp_atom.comp_id 
_chem_comp_atom.atom_id 
_chem_comp_atom.type_symbol 
_chem_comp_atom.pdbx_aromatic_flag 
_chem_comp_atom.pdbx_stereo_config 
_chem_comp_atom.pdbx_ordinal 
DA  OP3    O N N 1   
DA  P      P N N 2   
DA  OP1    O N N 3   
DA  OP2    O N N 4   
DA  "O5'"  O N N 5   
DA  "C5'"  C N N 6   
DA  "C4'"  C N R 7   
DA  "O4'"  O N N 8   
DA  "C3'"  C N S 9   
DA  "O3'"  O N N 10  
DA  "C2'"  C N N 11  
DA  "C1'"  C N R 12  
DA  N9     N Y N 13  
DA  C8     C Y N 14  
DA  N7     N Y N 15  
DA  C5     C Y N 16  
DA  C6     C Y N 17  
DA  N6     N N N 18  
DA  N1     N Y N 19  
DA  C2     C Y N 20  
DA  N3     N Y N 21  
DA  C4     C Y N 22  
DA  HOP3   H N N 23  
DA  HOP2   H N N 24  
DA  "H5'"  H N N 25  
DA  "H5''" H N N 26  
DA  "H4'"  H N N 27  
DA  "H3'"  H N N 28  
DA  "HO3'" H N N 29  
DA  "H2'"  H N N 30  
DA  "H2''" H N N 31  
DA  "H1'"  H N N 32  
DA  H8     H N N 33  
DA  H61    H N N 34  
DA  H62    H N N 35  
DA  H2     H N N 36  
DC  OP3    O N N 37  
DC  P      P N N 38  
DC  OP1    O N N 39  
DC  OP2    O N N 40  
DC  "O5'"  O N N 41  
DC  "C5'"  C N N 42  
DC  "C4'"  C N R 43  
DC  "O4'"  O N N 44  
DC  "C3'"  C N S 45  
DC  "O3'"  O N N 46  
DC  "C2'"  C N N 47  
DC  "C1'"  C N R 48  
DC  N1     N N N 49  
DC  C2     C N N 50  
DC  O2     O N N 51  
DC  N3     N N N 52  
DC  C4     C N N 53  
DC  N4     N N N 54  
DC  C5     C N N 55  
DC  C6     C N N 56  
DC  HOP3   H N N 57  
DC  HOP2   H N N 58  
DC  "H5'"  H N N 59  
DC  "H5''" H N N 60  
DC  "H4'"  H N N 61  
DC  "H3'"  H N N 62  
DC  "HO3'" H N N 63  
DC  "H2'"  H N N 64  
DC  "H2''" H N N 65  
DC  "H1'"  H N N 66  
DC  H41    H N N 67  
DC  H42    H N N 68  
DC  H5     H N N 69  
DC  H6     H N N 70  
DG  OP3    O N N 71  
DG  P      P N N 72  
DG  OP1    O N N 73  
DG  OP2    O N N 74  
DG  "O5'"  O N N 75  
DG  "C5'"  C N N 76  
DG  "C4'"  C N R 77  
DG  "O4'"  O N N 78  
DG  "C3'"  C N S 79  
DG  "O3'"  O N N 80  
DG  "C2'"  C N N 81  
DG  "C1'"  C N R 82  
DG  N9     N Y N 83  
DG  C8     C Y N 84  
DG  N7     N Y N 85  
DG  C5     C Y N 86  
DG  C6     C N N 87  
DG  O6     O N N 88  
DG  N1     N N N 89  
DG  C2     C N N 90  
DG  N2     N N N 91  
DG  N3     N N N 92  
DG  C4     C Y N 93  
DG  HOP3   H N N 94  
DG  HOP2   H N N 95  
DG  "H5'"  H N N 96  
DG  "H5''" H N N 97  
DG  "H4'"  H N N 98  
DG  "H3'"  H N N 99  
DG  "HO3'" H N N 100 
DG  "H2'"  H N N 101 
DG  "H2''" H N N 102 
DG  "H1'"  H N N 103 
DG  H8     H N N 104 
DG  H1     H N N 105 
DG  H21    H N N 106 
DG  H22    H N N 107 
DT  OP3    O N N 108 
DT  P      P N N 109 
DT  OP1    O N N 110 
DT  OP2    O N N 111 
DT  "O5'"  O N N 112 
DT  "C5'"  C N N 113 
DT  "C4'"  C N R 114 
DT  "O4'"  O N N 115 
DT  "C3'"  C N S 116 
DT  "O3'"  O N N 117 
DT  "C2'"  C N N 118 
DT  "C1'"  C N R 119 
DT  N1     N N N 120 
DT  C2     C N N 121 
DT  O2     O N N 122 
DT  N3     N N N 123 
DT  C4     C N N 124 
DT  O4     O N N 125 
DT  C5     C N N 126 
DT  C7     C N N 127 
DT  C6     C N N 128 
DT  HOP3   H N N 129 
DT  HOP2   H N N 130 
DT  "H5'"  H N N 131 
DT  "H5''" H N N 132 
DT  "H4'"  H N N 133 
DT  "H3'"  H N N 134 
DT  "HO3'" H N N 135 
DT  "H2'"  H N N 136 
DT  "H2''" H N N 137 
DT  "H1'"  H N N 138 
DT  H3     H N N 139 
DT  H71    H N N 140 
DT  H72    H N N 141 
DT  H73    H N N 142 
DT  H6     H N N 143 
HOH O      O N N 144 
HOH H1     H N N 145 
HOH H2     H N N 146 
# 
loop_
_chem_comp_bond.comp_id 
_chem_comp_bond.atom_id_1 
_chem_comp_bond.atom_id_2 
_chem_comp_bond.value_order 
_chem_comp_bond.pdbx_aromatic_flag 
_chem_comp_bond.pdbx_stereo_config 
_chem_comp_bond.pdbx_ordinal 
DA  OP3   P      sing N N 1   
DA  OP3   HOP3   sing N N 2   
DA  P     OP1    doub N N 3   
DA  P     OP2    sing N N 4   
DA  P     "O5'"  sing N N 5   
DA  OP2   HOP2   sing N N 6   
DA  "O5'" "C5'"  sing N N 7   
DA  "C5'" "C4'"  sing N N 8   
DA  "C5'" "H5'"  sing N N 9   
DA  "C5'" "H5''" sing N N 10  
DA  "C4'" "O4'"  sing N N 11  
DA  "C4'" "C3'"  sing N N 12  
DA  "C4'" "H4'"  sing N N 13  
DA  "O4'" "C1'"  sing N N 14  
DA  "C3'" "O3'"  sing N N 15  
DA  "C3'" "C2'"  sing N N 16  
DA  "C3'" "H3'"  sing N N 17  
DA  "O3'" "HO3'" sing N N 18  
DA  "C2'" "C1'"  sing N N 19  
DA  "C2'" "H2'"  sing N N 20  
DA  "C2'" "H2''" sing N N 21  
DA  "C1'" N9     sing N N 22  
DA  "C1'" "H1'"  sing N N 23  
DA  N9    C8     sing Y N 24  
DA  N9    C4     sing Y N 25  
DA  C8    N7     doub Y N 26  
DA  C8    H8     sing N N 27  
DA  N7    C5     sing Y N 28  
DA  C5    C6     sing Y N 29  
DA  C5    C4     doub Y N 30  
DA  C6    N6     sing N N 31  
DA  C6    N1     doub Y N 32  
DA  N6    H61    sing N N 33  
DA  N6    H62    sing N N 34  
DA  N1    C2     sing Y N 35  
DA  C2    N3     doub Y N 36  
DA  C2    H2     sing N N 37  
DA  N3    C4     sing Y N 38  
DC  OP3   P      sing N N 39  
DC  OP3   HOP3   sing N N 40  
DC  P     OP1    doub N N 41  
DC  P     OP2    sing N N 42  
DC  P     "O5'"  sing N N 43  
DC  OP2   HOP2   sing N N 44  
DC  "O5'" "C5'"  sing N N 45  
DC  "C5'" "C4'"  sing N N 46  
DC  "C5'" "H5'"  sing N N 47  
DC  "C5'" "H5''" sing N N 48  
DC  "C4'" "O4'"  sing N N 49  
DC  "C4'" "C3'"  sing N N 50  
DC  "C4'" "H4'"  sing N N 51  
DC  "O4'" "C1'"  sing N N 52  
DC  "C3'" "O3'"  sing N N 53  
DC  "C3'" "C2'"  sing N N 54  
DC  "C3'" "H3'"  sing N N 55  
DC  "O3'" "HO3'" sing N N 56  
DC  "C2'" "C1'"  sing N N 57  
DC  "C2'" "H2'"  sing N N 58  
DC  "C2'" "H2''" sing N N 59  
DC  "C1'" N1     sing N N 60  
DC  "C1'" "H1'"  sing N N 61  
DC  N1    C2     sing N N 62  
DC  N1    C6     sing N N 63  
DC  C2    O2     doub N N 64  
DC  C2    N3     sing N N 65  
DC  N3    C4     doub N N 66  
DC  C4    N4     sing N N 67  
DC  C4    C5     sing N N 68  
DC  N4    H41    sing N N 69  
DC  N4    H42    sing N N 70  
DC  C5    C6     doub N N 71  
DC  C5    H5     sing N N 72  
DC  C6    H6     sing N N 73  
DG  OP3   P      sing N N 74  
DG  OP3   HOP3   sing N N 75  
DG  P     OP1    doub N N 76  
DG  P     OP2    sing N N 77  
DG  P     "O5'"  sing N N 78  
DG  OP2   HOP2   sing N N 79  
DG  "O5'" "C5'"  sing N N 80  
DG  "C5'" "C4'"  sing N N 81  
DG  "C5'" "H5'"  sing N N 82  
DG  "C5'" "H5''" sing N N 83  
DG  "C4'" "O4'"  sing N N 84  
DG  "C4'" "C3'"  sing N N 85  
DG  "C4'" "H4'"  sing N N 86  
DG  "O4'" "C1'"  sing N N 87  
DG  "C3'" "O3'"  sing N N 88  
DG  "C3'" "C2'"  sing N N 89  
DG  "C3'" "H3'"  sing N N 90  
DG  "O3'" "HO3'" sing N N 91  
DG  "C2'" "C1'"  sing N N 92  
DG  "C2'" "H2'"  sing N N 93  
DG  "C2'" "H2''" sing N N 94  
DG  "C1'" N9     sing N N 95  
DG  "C1'" "H1'"  sing N N 96  
DG  N9    C8     sing Y N 97  
DG  N9    C4     sing Y N 98  
DG  C8    N7     doub Y N 99  
DG  C8    H8     sing N N 100 
DG  N7    C5     sing Y N 101 
DG  C5    C6     sing N N 102 
DG  C5    C4     doub Y N 103 
DG  C6    O6     doub N N 104 
DG  C6    N1     sing N N 105 
DG  N1    C2     sing N N 106 
DG  N1    H1     sing N N 107 
DG  C2    N2     sing N N 108 
DG  C2    N3     doub N N 109 
DG  N2    H21    sing N N 110 
DG  N2    H22    sing N N 111 
DG  N3    C4     sing N N 112 
DT  OP3   P      sing N N 113 
DT  OP3   HOP3   sing N N 114 
DT  P     OP1    doub N N 115 
DT  P     OP2    sing N N 116 
DT  P     "O5'"  sing N N 117 
DT  OP2   HOP2   sing N N 118 
DT  "O5'" "C5'"  sing N N 119 
DT  "C5'" "C4'"  sing N N 120 
DT  "C5'" "H5'"  sing N N 121 
DT  "C5'" "H5''" sing N N 122 
DT  "C4'" "O4'"  sing N N 123 
DT  "C4'" "C3'"  sing N N 124 
DT  "C4'" "H4'"  sing N N 125 
DT  "O4'" "C1'"  sing N N 126 
DT  "C3'" "O3'"  sing N N 127 
DT  "C3'" "C2'"  sing N N 128 
DT  "C3'" "H3'"  sing N N 129 
DT  "O3'" "HO3'" sing N N 130 
DT  "C2'" "C1'"  sing N N 131 
DT  "C2'" "H2'"  sing N N 132 
DT  "C2'" "H2''" sing N N 133 
DT  "C1'" N1     sing N N 134 
DT  "C1'" "H1'"  sing N N 135 
DT  N1    C2     sing N N 136 
DT  N1    C6     sing N N 137 
DT  C2    O2     doub N N 138 
DT  C2    N3     sing N N 139 
DT  N3    C4     sing N N 140 
DT  N3    H3     sing N N 141 
DT  C4    O4     doub N N 142 
DT  C4    C5     sing N N 143 
DT  C5    C7     sing N N 144 
DT  C5    C6     doub N N 145 
DT  C7    H71    sing N N 146 
DT  C7    H72    sing N N 147 
DT  C7    H73    sing N N 148 
DT  C6    H6     sing N N 149 
HOH O     H1     sing N N 150 
HOH O     H2     sing N N 151 
# 
loop_
_ndb_struct_conf_na.entry_id 
_ndb_struct_conf_na.feature 
1D31 'double helix'        
1D31 'b-form double helix' 
1D31 'bulge loop'          
# 
loop_
_ndb_struct_na_base_pair.model_number 
_ndb_struct_na_base_pair.i_label_asym_id 
_ndb_struct_na_base_pair.i_label_comp_id 
_ndb_struct_na_base_pair.i_label_seq_id 
_ndb_struct_na_base_pair.i_symmetry 
_ndb_struct_na_base_pair.j_label_asym_id 
_ndb_struct_na_base_pair.j_label_comp_id 
_ndb_struct_na_base_pair.j_label_seq_id 
_ndb_struct_na_base_pair.j_symmetry 
_ndb_struct_na_base_pair.shear 
_ndb_struct_na_base_pair.stretch 
_ndb_struct_na_base_pair.stagger 
_ndb_struct_na_base_pair.buckle 
_ndb_struct_na_base_pair.propeller 
_ndb_struct_na_base_pair.opening 
_ndb_struct_na_base_pair.pair_number 
_ndb_struct_na_base_pair.pair_name 
_ndb_struct_na_base_pair.i_auth_asym_id 
_ndb_struct_na_base_pair.i_auth_seq_id 
_ndb_struct_na_base_pair.i_PDB_ins_code 
_ndb_struct_na_base_pair.j_auth_asym_id 
_ndb_struct_na_base_pair.j_auth_seq_id 
_ndb_struct_na_base_pair.j_PDB_ins_code 
_ndb_struct_na_base_pair.hbond_type_28 
_ndb_struct_na_base_pair.hbond_type_12 
1 A DG 2  1_555 B DC 12 1_555 0.455  -0.598 0.794  10.293  -6.202  -4.911  1  A_DG2:DC25_B  A 2  ? B 25 ? 19 1 
1 A DC 3  1_555 B DG 11 1_555 -0.487 -0.417 0.440  -2.553  -12.757 1.262   2  A_DC3:DG24_B  A 3  ? B 24 ? 19 1 
1 A DG 5  1_555 B DC 10 1_555 0.089  -0.563 0.286  4.321   0.238   -7.225  3  A_DG5:DC23_B  A 5  ? B 23 ? 19 1 
1 A DA 6  1_555 B DT 9  1_555 0.926  0.136  0.058  -5.102  -7.584  -16.296 4  A_DA6:DT22_B  A 6  ? B 22 ? 20 1 
1 A DA 7  1_555 B DT 8  1_555 -0.019 -0.087 -0.119 5.784   -17.381 1.600   5  A_DA7:DT21_B  A 7  ? B 21 ? 20 1 
1 A DT 8  1_555 B DA 7  1_555 -0.351 -0.043 -0.251 -0.338  -30.836 -9.606  6  A_DT8:DA20_B  A 8  ? B 20 ? 20 1 
1 A DT 9  1_555 B DA 6  1_555 0.078  -0.084 -0.495 5.765   -27.698 0.038   7  A_DT9:DA19_B  A 9  ? B 19 ? 20 1 
1 A DC 10 1_555 B DG 5  1_555 -0.396 -0.543 0.617  -12.158 -9.813  -2.696  8  A_DC10:DG18_B A 10 ? B 18 ? 19 1 
1 A DG 11 1_555 B DC 3  1_555 0.179  0.010  -0.388 -17.051 0.523   -2.057  9  A_DG11:DC16_B A 11 ? B 16 ? 19 1 
1 A DC 12 1_555 B DG 2  1_555 0.791  0.060  -0.006 -11.669 -8.291  3.082   10 A_DC12:DG15_B A 12 ? B 15 ? 19 1 
1 A DG 13 1_555 B DC 1  1_555 0.455  -0.099 0.574  -6.091  -1.707  7.231   11 A_DG13:DC14_B A 13 ? B 14 ? 19 1 
# 
loop_
_ndb_struct_na_base_pair_step.model_number 
_ndb_struct_na_base_pair_step.i_label_asym_id_1 
_ndb_struct_na_base_pair_step.i_label_comp_id_1 
_ndb_struct_na_base_pair_step.i_label_seq_id_1 
_ndb_struct_na_base_pair_step.i_symmetry_1 
_ndb_struct_na_base_pair_step.j_label_asym_id_1 
_ndb_struct_na_base_pair_step.j_label_comp_id_1 
_ndb_struct_na_base_pair_step.j_label_seq_id_1 
_ndb_struct_na_base_pair_step.j_symmetry_1 
_ndb_struct_na_base_pair_step.i_label_asym_id_2 
_ndb_struct_na_base_pair_step.i_label_comp_id_2 
_ndb_struct_na_base_pair_step.i_label_seq_id_2 
_ndb_struct_na_base_pair_step.i_symmetry_2 
_ndb_struct_na_base_pair_step.j_label_asym_id_2 
_ndb_struct_na_base_pair_step.j_label_comp_id_2 
_ndb_struct_na_base_pair_step.j_label_seq_id_2 
_ndb_struct_na_base_pair_step.j_symmetry_2 
_ndb_struct_na_base_pair_step.shift 
_ndb_struct_na_base_pair_step.slide 
_ndb_struct_na_base_pair_step.rise 
_ndb_struct_na_base_pair_step.tilt 
_ndb_struct_na_base_pair_step.roll 
_ndb_struct_na_base_pair_step.twist 
_ndb_struct_na_base_pair_step.x_displacement 
_ndb_struct_na_base_pair_step.y_displacement 
_ndb_struct_na_base_pair_step.helical_rise 
_ndb_struct_na_base_pair_step.inclination 
_ndb_struct_na_base_pair_step.tip 
_ndb_struct_na_base_pair_step.helical_twist 
_ndb_struct_na_base_pair_step.step_number 
_ndb_struct_na_base_pair_step.step_name 
_ndb_struct_na_base_pair_step.i_auth_asym_id_1 
_ndb_struct_na_base_pair_step.i_auth_seq_id_1 
_ndb_struct_na_base_pair_step.i_PDB_ins_code_1 
_ndb_struct_na_base_pair_step.j_auth_asym_id_1 
_ndb_struct_na_base_pair_step.j_auth_seq_id_1 
_ndb_struct_na_base_pair_step.j_PDB_ins_code_1 
_ndb_struct_na_base_pair_step.i_auth_asym_id_2 
_ndb_struct_na_base_pair_step.i_auth_seq_id_2 
_ndb_struct_na_base_pair_step.i_PDB_ins_code_2 
_ndb_struct_na_base_pair_step.j_auth_asym_id_2 
_ndb_struct_na_base_pair_step.j_auth_seq_id_2 
_ndb_struct_na_base_pair_step.j_PDB_ins_code_2 
1 A DG 2  1_555 B DC 12 1_555 A DC 3  1_555 B DG 11 1_555 0.679  0.405  3.804 7.212  -11.330 32.490 2.656  0.138  3.539 -19.256 
-12.256 35.088 1  AA_DG2DC3:DG24DC25_BB   A 2  ? B 25 ? A 3  ? B 24 ? 
1 A DC 3  1_555 B DG 11 1_555 A DG 5  1_555 B DC 10 1_555 -1.981 1.136  6.726 2.876  -9.848  41.965 3.482  3.259  6.177 -13.510 
-3.945  43.146 2  AA_DC3DG5:DC23DG24_BB   A 3  ? B 24 ? A 5  ? B 23 ? 
1 A DG 5  1_555 B DC 10 1_555 A DA 6  1_555 B DT 9  1_555 -0.916 -0.014 3.576 2.685  3.113   45.080 -0.319 1.450  3.510 4.050   
-3.493  45.257 3  AA_DG5DA6:DT22DC23_BB   A 5  ? B 23 ? A 6  ? B 22 ? 
1 A DA 6  1_555 B DT 9  1_555 A DA 7  1_555 B DT 8  1_555 0.301  0.039  2.980 3.882  -5.527  34.832 0.807  0.027  2.955 -9.126  
-6.411  35.461 4  AA_DA6DA7:DT21DT22_BB   A 6  ? B 22 ? A 7  ? B 21 ? 
1 A DA 7  1_555 B DT 8  1_555 A DT 8  1_555 B DA 7  1_555 -0.958 -0.830 3.392 -2.572 3.866   31.456 -2.246 1.262  3.335 7.083   
4.711   31.788 5  AA_DA7DT8:DA20DT21_BB   A 7  ? B 21 ? A 8  ? B 20 ? 
1 A DT 8  1_555 B DA 7  1_555 A DT 9  1_555 B DA 6  1_555 0.091  0.046  2.954 -0.333 1.496   39.482 -0.090 -0.170 2.952 2.213   
0.493   39.510 6  AA_DT8DT9:DA19DA20_BB   A 8  ? B 20 ? A 9  ? B 19 ? 
1 A DT 9  1_555 B DA 6  1_555 A DC 10 1_555 B DG 5  1_555 0.176  -0.516 3.859 -7.657 -2.534  39.760 -0.411 -1.263 3.787 -3.679  
11.120  40.537 7  AA_DT9DC10:DG18DA19_BB  A 9  ? B 19 ? A 10 ? B 18 ? 
1 A DC 10 1_555 B DG 5  1_555 A DG 11 1_555 B DC 3  1_555 0.149  -0.136 3.418 7.612  0.257   38.188 -0.236 0.746  3.384 0.388   
-11.495 38.912 8  AA_DC10DG11:DC16DG18_BB A 10 ? B 18 ? A 11 ? B 16 ? 
1 A DG 11 1_555 B DC 3  1_555 A DC 12 1_555 B DG 2  1_555 1.686  -0.132 3.424 -1.107 6.683   30.765 -1.534 -3.320 3.262 12.408  
2.055   31.485 9  AA_DG11DC12:DG15DC16_BB A 11 ? B 16 ? A 12 ? B 15 ? 
1 A DC 12 1_555 B DG 2  1_555 A DG 13 1_555 B DC 1  1_555 0.854  1.817  3.326 -4.857 4.980   40.987 2.015  -1.737 3.396 7.051   
6.876   41.548 10 AA_DC12DG13:DC14DG15_BB A 12 ? B 15 ? A 13 ? B 14 ? 
# 
_atom_sites.entry_id                    1D31 
_atom_sites.fract_transf_matrix[1][1]   -0.00559985 
_atom_sites.fract_transf_matrix[1][2]   -0.00608987 
_atom_sites.fract_transf_matrix[1][3]   -0.00991583 
_atom_sites.fract_transf_matrix[2][1]   -0.01409358 
_atom_sites.fract_transf_matrix[2][2]   -0.01121644 
_atom_sites.fract_transf_matrix[2][3]   0.01484783 
_atom_sites.fract_transf_matrix[3][1]   -0.02942680 
_atom_sites.fract_transf_matrix[3][2]   0.02629953 
_atom_sites.fract_transf_matrix[3][3]   -0.00806460 
_atom_sites.fract_transf_vector[1]      0.240833 
_atom_sites.fract_transf_vector[2]      0.038823 
_atom_sites.fract_transf_vector[3]      0.137401 
# 
loop_
_atom_type.symbol 
C 
N 
O 
P 
# 
loop_
_atom_site.group_PDB 
_atom_site.id 
_atom_site.type_symbol 
_atom_site.label_atom_id 
_atom_site.label_alt_id 
_atom_site.label_comp_id 
_atom_site.label_asym_id 
_atom_site.label_entity_id 
_atom_site.label_seq_id 
_atom_site.pdbx_PDB_ins_code 
_atom_site.Cartn_x 
_atom_site.Cartn_y 
_atom_site.Cartn_z 
_atom_site.occupancy 
_atom_site.B_iso_or_equiv 
_atom_site.pdbx_formal_charge 
_atom_site.auth_seq_id 
_atom_site.auth_comp_id 
_atom_site.auth_asym_id 
_atom_site.auth_atom_id 
_atom_site.pdbx_PDB_model_num 
ATOM   1   O "O5'" . DC  A 1 1  ? 23.924  9.527   5.894   1.00 33.17 ? 1  DC  A "O5'" 1 
ATOM   2   C "C5'" . DC  A 1 1  ? 22.921  9.650   6.908   1.00 27.38 ? 1  DC  A "C5'" 1 
ATOM   3   C "C4'" . DC  A 1 1  ? 21.988  8.443   6.956   1.00 28.75 ? 1  DC  A "C4'" 1 
ATOM   4   O "O4'" . DC  A 1 1  ? 22.824  7.290   6.992   1.00 21.52 ? 1  DC  A "O4'" 1 
ATOM   5   C "C3'" . DC  A 1 1  ? 21.374  8.579   8.340   1.00 29.99 ? 1  DC  A "C3'" 1 
ATOM   6   O "O3'" . DC  A 1 1  ? 20.238  7.716   8.361   1.00 31.12 ? 1  DC  A "O3'" 1 
ATOM   7   C "C2'" . DC  A 1 1  ? 22.433  7.933   9.228   1.00 36.49 ? 1  DC  A "C2'" 1 
ATOM   8   C "C1'" . DC  A 1 1  ? 22.969  6.829   8.343   1.00 25.57 ? 1  DC  A "C1'" 1 
ATOM   9   N N1    . DC  A 1 1  ? 24.405  6.567   8.559   1.00 26.76 ? 1  DC  A N1    1 
ATOM   10  C C2    . DC  A 1 1  ? 25.296  7.289   7.774   1.00 19.57 ? 1  DC  A C2    1 
ATOM   11  O O2    . DC  A 1 1  ? 24.900  8.162   7.008   1.00 21.19 ? 1  DC  A O2    1 
ATOM   12  N N3    . DC  A 1 1  ? 26.618  6.963   7.853   1.00 21.02 ? 1  DC  A N3    1 
ATOM   13  C C4    . DC  A 1 1  ? 27.082  5.987   8.655   1.00 32.02 ? 1  DC  A C4    1 
ATOM   14  N N4    . DC  A 1 1  ? 28.391  5.727   8.711   1.00 17.51 ? 1  DC  A N4    1 
ATOM   15  C C5    . DC  A 1 1  ? 26.164  5.248   9.475   1.00 32.83 ? 1  DC  A C5    1 
ATOM   16  C C6    . DC  A 1 1  ? 24.859  5.570   9.369   1.00 29.17 ? 1  DC  A C6    1 
ATOM   17  P P     . DG  A 1 2  ? 18.740  8.284   8.224   1.00 32.01 ? 2  DG  A P     1 
ATOM   18  O OP1   . DG  A 1 2  ? 18.465  8.729   6.844   1.00 27.13 ? 2  DG  A OP1   1 
ATOM   19  O OP2   . DG  A 1 2  ? 18.469  9.400   9.133   1.00 41.36 ? 2  DG  A OP2   1 
ATOM   20  O "O5'" . DG  A 1 2  ? 17.778  7.025   8.582   1.00 37.53 ? 2  DG  A "O5'" 1 
ATOM   21  C "C5'" . DG  A 1 2  ? 18.381  5.979   9.347   1.00 25.67 ? 2  DG  A "C5'" 1 
ATOM   22  C "C4'" . DG  A 1 2  ? 17.551  5.397   10.437  1.00 15.22 ? 2  DG  A "C4'" 1 
ATOM   23  O "O4'" . DG  A 1 2  ? 16.440  6.204   10.739  1.00 14.63 ? 2  DG  A "O4'" 1 
ATOM   24  C "C3'" . DG  A 1 2  ? 17.024  4.101   9.846   1.00 8.21  ? 2  DG  A "C3'" 1 
ATOM   25  O "O3'" . DG  A 1 2  ? 16.689  3.317   10.990  1.00 9.96  ? 2  DG  A "O3'" 1 
ATOM   26  C "C2'" . DG  A 1 2  ? 15.679  4.547   9.251   1.00 18.47 ? 2  DG  A "C2'" 1 
ATOM   27  C "C1'" . DG  A 1 2  ? 15.204  5.564   10.267  1.00 9.77  ? 2  DG  A "C1'" 1 
ATOM   28  N N9    . DG  A 1 2  ? 14.482  6.698   9.645   1.00 9.40  ? 2  DG  A N9    1 
ATOM   29  C C8    . DG  A 1 2  ? 15.065  7.628   8.806   1.00 5.57  ? 2  DG  A C8    1 
ATOM   30  N N7    . DG  A 1 2  ? 14.299  8.656   8.566   1.00 11.40 ? 2  DG  A N7    1 
ATOM   31  C C5    . DG  A 1 2  ? 13.163  8.425   9.340   1.00 2.00  ? 2  DG  A C5    1 
ATOM   32  C C6    . DG  A 1 2  ? 11.993  9.197   9.507   1.00 2.00  ? 2  DG  A C6    1 
ATOM   33  O O6    . DG  A 1 2  ? 11.712  10.285  8.998   1.00 5.18  ? 2  DG  A O6    1 
ATOM   34  N N1    . DG  A 1 2  ? 11.064  8.640   10.373  1.00 2.00  ? 2  DG  A N1    1 
ATOM   35  C C2    . DG  A 1 2  ? 11.291  7.450   10.996  1.00 10.17 ? 2  DG  A C2    1 
ATOM   36  N N2    . DG  A 1 2  ? 10.264  7.058   11.767  1.00 2.00  ? 2  DG  A N2    1 
ATOM   37  N N3    . DG  A 1 2  ? 12.394  6.696   10.887  1.00 8.19  ? 2  DG  A N3    1 
ATOM   38  C C4    . DG  A 1 2  ? 13.285  7.244   10.027  1.00 3.04  ? 2  DG  A C4    1 
ATOM   39  P P     . DC  A 1 3  ? 16.648  1.730   10.938  1.00 18.33 ? 3  DC  A P     1 
ATOM   40  O OP1   . DC  A 1 3  ? 16.298  1.320   12.316  1.00 15.48 ? 3  DC  A OP1   1 
ATOM   41  O OP2   . DC  A 1 3  ? 17.945  1.189   10.529  1.00 10.89 ? 3  DC  A OP2   1 
ATOM   42  O "O5'" . DC  A 1 3  ? 15.497  1.213   9.940   1.00 8.94  ? 3  DC  A "O5'" 1 
ATOM   43  C "C5'" . DC  A 1 3  ? 14.397  0.450   10.415  1.00 2.00  ? 3  DC  A "C5'" 1 
ATOM   44  C "C4'" . DC  A 1 3  ? 13.174  1.175   10.831  1.00 6.36  ? 3  DC  A "C4'" 1 
ATOM   45  O "O4'" . DC  A 1 3  ? 13.159  2.522   10.366  1.00 2.00  ? 3  DC  A "O4'" 1 
ATOM   46  C "C3'" . DC  A 1 3  ? 12.034  0.491   10.081  1.00 6.73  ? 3  DC  A "C3'" 1 
ATOM   47  O "O3'" . DC  A 1 3  ? 11.467  -0.443  11.014  1.00 13.57 ? 3  DC  A "O3'" 1 
ATOM   48  C "C2'" . DC  A 1 3  ? 11.004  1.616   9.981   1.00 2.00  ? 3  DC  A "C2'" 1 
ATOM   49  C "C1'" . DC  A 1 3  ? 11.824  2.857   10.006  1.00 2.00  ? 3  DC  A "C1'" 1 
ATOM   50  N N1    . DC  A 1 3  ? 11.798  3.705   8.824   1.00 2.00  ? 3  DC  A N1    1 
ATOM   51  C C2    . DC  A 1 3  ? 10.819  4.696   8.798   1.00 2.00  ? 3  DC  A C2    1 
ATOM   52  O O2    . DC  A 1 3  ? 9.944   4.720   9.662   1.00 4.15  ? 3  DC  A O2    1 
ATOM   53  N N3    . DC  A 1 3  ? 10.889  5.640   7.827   1.00 2.00  ? 3  DC  A N3    1 
ATOM   54  C C4    . DC  A 1 3  ? 11.845  5.641   6.883   1.00 2.00  ? 3  DC  A C4    1 
ATOM   55  N N4    . DC  A 1 3  ? 11.835  6.588   5.944   1.00 2.00  ? 3  DC  A N4    1 
ATOM   56  C C5    . DC  A 1 3  ? 12.866  4.635   6.904   1.00 2.00  ? 3  DC  A C5    1 
ATOM   57  C C6    . DC  A 1 3  ? 12.791  3.711   7.877   1.00 2.00  ? 3  DC  A C6    1 
ATOM   58  P P     . DA  A 1 4  ? 11.450  -2.005  10.693  1.00 29.20 ? 4  DA  A P     1 
ATOM   59  O OP1   . DA  A 1 4  ? 12.538  -2.677  11.428  1.00 14.06 ? 4  DA  A OP1   1 
ATOM   60  O OP2   . DA  A 1 4  ? 11.627  -2.256  9.244   1.00 17.21 ? 4  DA  A OP2   1 
ATOM   61  O "O5'" . DA  A 1 4  ? 10.025  -2.597  11.135  1.00 24.62 ? 4  DA  A "O5'" 1 
ATOM   62  C "C5'" . DA  A 1 4  ? 9.411   -2.223  12.351  1.00 19.09 ? 4  DA  A "C5'" 1 
ATOM   63  C "C4'" . DA  A 1 4  ? 8.122   -1.484  12.211  1.00 18.61 ? 4  DA  A "C4'" 1 
ATOM   64  O "O4'" . DA  A 1 4  ? 8.276   -0.373  11.352  1.00 18.71 ? 4  DA  A "O4'" 1 
ATOM   65  C "C3'" . DA  A 1 4  ? 7.200   -2.466  11.530  1.00 20.69 ? 4  DA  A "C3'" 1 
ATOM   66  O "O3'" . DA  A 1 4  ? 5.896   -2.215  12.072  1.00 19.14 ? 4  DA  A "O3'" 1 
ATOM   67  C "C2'" . DA  A 1 4  ? 7.151   -1.968  10.082  1.00 25.75 ? 4  DA  A "C2'" 1 
ATOM   68  C "C1'" . DA  A 1 4  ? 7.313   -0.474  10.273  1.00 7.77  ? 4  DA  A "C1'" 1 
ATOM   69  N N9    . DA  A 1 4  ? 7.843   0.236   9.104   1.00 2.00  ? 4  DA  A N9    1 
ATOM   70  C C8    . DA  A 1 4  ? 8.990   -0.018  8.390   1.00 7.18  ? 4  DA  A C8    1 
ATOM   71  N N7    . DA  A 1 4  ? 9.234   0.864   7.449   1.00 7.45  ? 4  DA  A N7    1 
ATOM   72  C C5    . DA  A 1 4  ? 8.214   1.797   7.583   1.00 2.00  ? 4  DA  A C5    1 
ATOM   73  C C6    . DA  A 1 4  ? 7.937   2.983   6.869   1.00 2.00  ? 4  DA  A C6    1 
ATOM   74  N N6    . DA  A 1 4  ? 8.649   3.451   5.858   1.00 2.00  ? 4  DA  A N6    1 
ATOM   75  N N1    . DA  A 1 4  ? 6.789   3.643   7.255   1.00 2.00  ? 4  DA  A N1    1 
ATOM   76  C C2    . DA  A 1 4  ? 6.019   3.161   8.268   1.00 16.84 ? 4  DA  A C2    1 
ATOM   77  N N3    . DA  A 1 4  ? 6.231   2.049   8.982   1.00 11.34 ? 4  DA  A N3    1 
ATOM   78  C C4    . DA  A 1 4  ? 7.353   1.412   8.578   1.00 2.00  ? 4  DA  A C4    1 
ATOM   79  P P     . DG  A 1 5  ? 4.904   -3.462  12.269  1.00 12.54 ? 5  DG  A P     1 
ATOM   80  O OP1   . DG  A 1 5  ? 4.929   -3.960  13.640  1.00 10.66 ? 5  DG  A OP1   1 
ATOM   81  O OP2   . DG  A 1 5  ? 5.314   -4.543  11.350  1.00 24.30 ? 5  DG  A OP2   1 
ATOM   82  O "O5'" . DG  A 1 5  ? 3.455   -2.929  11.842  1.00 2.16  ? 5  DG  A "O5'" 1 
ATOM   83  C "C5'" . DG  A 1 5  ? 3.254   -1.517  11.996  1.00 15.91 ? 5  DG  A "C5'" 1 
ATOM   84  C "C4'" . DG  A 1 5  ? 2.774   -0.841  10.772  1.00 17.47 ? 5  DG  A "C4'" 1 
ATOM   85  O "O4'" . DG  A 1 5  ? 3.837   -0.270  10.003  1.00 29.04 ? 5  DG  A "O4'" 1 
ATOM   86  C "C3'" . DG  A 1 5  ? 2.124   -1.919  9.947   1.00 6.25  ? 5  DG  A "C3'" 1 
ATOM   87  O "O3'" . DG  A 1 5  ? 0.893   -1.377  9.451   1.00 5.70  ? 5  DG  A "O3'" 1 
ATOM   88  C "C2'" . DG  A 1 5  ? 3.049   -2.039  8.721   1.00 7.16  ? 5  DG  A "C2'" 1 
ATOM   89  C "C1'" . DG  A 1 5  ? 3.569   -0.629  8.670   1.00 16.37 ? 5  DG  A "C1'" 1 
ATOM   90  N N9    . DG  A 1 5  ? 4.470   -0.222  7.629   1.00 4.42  ? 5  DG  A N9    1 
ATOM   91  C C8    . DG  A 1 5  ? 5.476   -0.918  6.995   1.00 2.00  ? 5  DG  A C8    1 
ATOM   92  N N7    . DG  A 1 5  ? 6.014   -0.292  5.984   1.00 2.59  ? 5  DG  A N7    1 
ATOM   93  C C5    . DG  A 1 5  ? 5.276   0.884   5.890   1.00 2.13  ? 5  DG  A C5    1 
ATOM   94  C C6    . DG  A 1 5  ? 5.362   1.974   4.990   1.00 2.00  ? 5  DG  A C6    1 
ATOM   95  O O6    . DG  A 1 5  ? 6.146   2.124   4.043   1.00 11.24 ? 5  DG  A O6    1 
ATOM   96  N N1    . DG  A 1 5  ? 4.432   2.972   5.205   1.00 5.68  ? 5  DG  A N1    1 
ATOM   97  C C2    . DG  A 1 5  ? 3.559   2.929   6.249   1.00 11.00 ? 5  DG  A C2    1 
ATOM   98  N N2    . DG  A 1 5  ? 2.758   4.001   6.346   1.00 2.00  ? 5  DG  A N2    1 
ATOM   99  N N3    . DG  A 1 5  ? 3.456   1.939   7.128   1.00 2.00  ? 5  DG  A N3    1 
ATOM   100 C C4    . DG  A 1 5  ? 4.330   0.941   6.873   1.00 2.00  ? 5  DG  A C4    1 
ATOM   101 P P     . DA  A 1 6  ? -0.374  -2.313  9.865   1.00 14.58 ? 6  DA  A P     1 
ATOM   102 O OP1   . DA  A 1 6  ? -0.320  -2.536  11.323  1.00 14.69 ? 6  DA  A OP1   1 
ATOM   103 O OP2   . DA  A 1 6  ? -0.163  -3.624  9.209   1.00 15.40 ? 6  DA  A OP2   1 
ATOM   104 O "O5'" . DA  A 1 6  ? -1.745  -1.637  9.458   1.00 2.00  ? 6  DA  A "O5'" 1 
ATOM   105 C "C5'" . DA  A 1 6  ? -2.324  -0.623  10.280  1.00 2.00  ? 6  DA  A "C5'" 1 
ATOM   106 C "C4'" . DA  A 1 6  ? -2.264  0.732   9.617   1.00 13.06 ? 6  DA  A "C4'" 1 
ATOM   107 O "O4'" . DA  A 1 6  ? -1.043  0.785   8.875   1.00 18.53 ? 6  DA  A "O4'" 1 
ATOM   108 C "C3'" . DA  A 1 6  ? -3.404  0.705   8.623   1.00 11.96 ? 6  DA  A "C3'" 1 
ATOM   109 O "O3'" . DA  A 1 6  ? -3.859  2.060   8.471   1.00 18.33 ? 6  DA  A "O3'" 1 
ATOM   110 C "C2'" . DA  A 1 6  ? -2.721  0.365   7.296   1.00 19.52 ? 6  DA  A "C2'" 1 
ATOM   111 C "C1'" . DA  A 1 6  ? -1.360  1.027   7.492   1.00 20.42 ? 6  DA  A "C1'" 1 
ATOM   112 N N9    . DA  A 1 6  ? -0.310  0.459   6.644   1.00 12.72 ? 6  DA  A N9    1 
ATOM   113 C C8    . DA  A 1 6  ? 0.390   -0.712  6.795   1.00 15.41 ? 6  DA  A C8    1 
ATOM   114 N N7    . DA  A 1 6  ? 1.309   -0.907  5.883   1.00 9.74  ? 6  DA  A N7    1 
ATOM   115 C C5    . DA  A 1 6  ? 1.247   0.241   5.102   1.00 11.97 ? 6  DA  A C5    1 
ATOM   116 C C6    . DA  A 1 6  ? 1.975   0.626   3.949   1.00 10.26 ? 6  DA  A C6    1 
ATOM   117 N N6    . DA  A 1 6  ? 2.925   -0.098  3.393   1.00 16.51 ? 6  DA  A N6    1 
ATOM   118 N N1    . DA  A 1 6  ? 1.618   1.842   3.424   1.00 6.82  ? 6  DA  A N1    1 
ATOM   119 C C2    . DA  A 1 6  ? 0.646   2.604   3.979   1.00 15.38 ? 6  DA  A C2    1 
ATOM   120 N N3    . DA  A 1 6  ? -0.079  2.291   5.056   1.00 22.85 ? 6  DA  A N3    1 
ATOM   121 C C4    . DA  A 1 6  ? 0.262   1.081   5.556   1.00 12.34 ? 6  DA  A C4    1 
ATOM   122 P P     . DA  A 1 7  ? -5.392  2.263   8.033   1.00 36.66 ? 7  DA  A P     1 
ATOM   123 O OP1   . DA  A 1 7  ? -6.185  2.779   9.151   1.00 34.80 ? 7  DA  A OP1   1 
ATOM   124 O OP2   . DA  A 1 7  ? -5.935  0.942   7.638   1.00 42.73 ? 7  DA  A OP2   1 
ATOM   125 O "O5'" . DA  A 1 7  ? -5.481  3.275   6.786   1.00 32.07 ? 7  DA  A "O5'" 1 
ATOM   126 C "C5'" . DA  A 1 7  ? -4.436  4.231   6.648   1.00 43.43 ? 7  DA  A "C5'" 1 
ATOM   127 C "C4'" . DA  A 1 7  ? -4.278  4.844   5.294   1.00 36.99 ? 7  DA  A "C4'" 1 
ATOM   128 O "O4'" . DA  A 1 7  ? -3.339  4.109   4.540   1.00 35.76 ? 7  DA  A "O4'" 1 
ATOM   129 C "C3'" . DA  A 1 7  ? -5.624  4.723   4.626   1.00 29.66 ? 7  DA  A "C3'" 1 
ATOM   130 O "O3'" . DA  A 1 7  ? -5.733  5.861   3.787   1.00 26.51 ? 7  DA  A "O3'" 1 
ATOM   131 C "C2'" . DA  A 1 7  ? -5.447  3.507   3.720   1.00 36.26 ? 7  DA  A "C2'" 1 
ATOM   132 C "C1'" . DA  A 1 7  ? -3.982  3.554   3.368   1.00 27.54 ? 7  DA  A "C1'" 1 
ATOM   133 N N9    . DA  A 1 7  ? -3.356  2.233   3.160   1.00 21.50 ? 7  DA  A N9    1 
ATOM   134 C C8    . DA  A 1 7  ? -3.584  1.044   3.797   1.00 22.89 ? 7  DA  A C8    1 
ATOM   135 N N7    . DA  A 1 7  ? -2.749  0.090   3.457   1.00 30.72 ? 7  DA  A N7    1 
ATOM   136 C C5    . DA  A 1 7  ? -1.880  0.701   2.562   1.00 24.73 ? 7  DA  A C5    1 
ATOM   137 C C6    . DA  A 1 7  ? -0.735  0.217   1.889   1.00 22.04 ? 7  DA  A C6    1 
ATOM   138 N N6    . DA  A 1 7  ? -0.222  -1.000  1.963   1.00 13.19 ? 7  DA  A N6    1 
ATOM   139 N N1    . DA  A 1 7  ? -0.090  1.165   1.123   1.00 22.11 ? 7  DA  A N1    1 
ATOM   140 C C2    . DA  A 1 7  ? -0.533  2.440   1.025   1.00 24.24 ? 7  DA  A C2    1 
ATOM   141 N N3    . DA  A 1 7  ? -1.585  2.955   1.656   1.00 26.63 ? 7  DA  A N3    1 
ATOM   142 C C4    . DA  A 1 7  ? -2.215  2.022   2.413   1.00 22.14 ? 7  DA  A C4    1 
ATOM   143 P P     . DT  A 1 8  ? -7.014  6.270   2.947   1.00 37.93 ? 8  DT  A P     1 
ATOM   144 O OP1   . DT  A 1 8  ? -7.307  7.700   3.042   1.00 26.84 ? 8  DT  A OP1   1 
ATOM   145 O OP2   . DT  A 1 8  ? -8.186  5.498   3.358   1.00 47.30 ? 8  DT  A OP2   1 
ATOM   146 O "O5'" . DT  A 1 8  ? -6.667  5.922   1.383   1.00 44.13 ? 8  DT  A "O5'" 1 
ATOM   147 C "C5'" . DT  A 1 8  ? -5.843  6.872   0.728   1.00 26.43 ? 8  DT  A "C5'" 1 
ATOM   148 C "C4'" . DT  A 1 8  ? -4.991  6.426   -0.377  1.00 22.67 ? 8  DT  A "C4'" 1 
ATOM   149 O "O4'" . DT  A 1 8  ? -4.303  5.205   -0.087  1.00 14.00 ? 8  DT  A "O4'" 1 
ATOM   150 C "C3'" . DT  A 1 8  ? -5.913  6.091   -1.537  1.00 16.44 ? 8  DT  A "C3'" 1 
ATOM   151 O "O3'" . DT  A 1 8  ? -5.855  7.263   -2.390  1.00 6.71  ? 8  DT  A "O3'" 1 
ATOM   152 C "C2'" . DT  A 1 8  ? -5.090  5.046   -2.308  1.00 11.27 ? 8  DT  A "C2'" 1 
ATOM   153 C "C1'" . DT  A 1 8  ? -4.122  4.525   -1.324  1.00 4.47  ? 8  DT  A "C1'" 1 
ATOM   154 N N1    . DT  A 1 8  ? -3.971  3.102   -1.151  1.00 14.13 ? 8  DT  A N1    1 
ATOM   155 C C2    . DT  A 1 8  ? -2.875  2.478   -1.761  1.00 13.61 ? 8  DT  A C2    1 
ATOM   156 O O2    . DT  A 1 8  ? -2.140  3.139   -2.490  1.00 18.86 ? 8  DT  A O2    1 
ATOM   157 N N3    . DT  A 1 8  ? -2.660  1.144   -1.527  1.00 6.45  ? 8  DT  A N3    1 
ATOM   158 C C4    . DT  A 1 8  ? -3.478  0.436   -0.710  1.00 21.01 ? 8  DT  A C4    1 
ATOM   159 O O4    . DT  A 1 8  ? -3.269  -0.776  -0.498  1.00 23.02 ? 8  DT  A O4    1 
ATOM   160 C C5    . DT  A 1 8  ? -4.638  1.067   -0.130  1.00 16.21 ? 8  DT  A C5    1 
ATOM   161 C C7    . DT  A 1 8  ? -5.565  0.272   0.761   1.00 17.96 ? 8  DT  A C7    1 
ATOM   162 C C6    . DT  A 1 8  ? -4.813  2.369   -0.357  1.00 19.77 ? 8  DT  A C6    1 
ATOM   163 P P     . DT  A 1 9  ? -6.307  7.137   -3.924  1.00 29.67 ? 9  DT  A P     1 
ATOM   164 O OP1   . DT  A 1 9  ? -6.442  8.481   -4.511  1.00 28.42 ? 9  DT  A OP1   1 
ATOM   165 O OP2   . DT  A 1 9  ? -7.665  6.549   -3.946  1.00 32.52 ? 9  DT  A OP2   1 
ATOM   166 O "O5'" . DT  A 1 9  ? -5.282  6.202   -4.755  1.00 13.88 ? 9  DT  A "O5'" 1 
ATOM   167 C "C5'" . DT  A 1 9  ? -4.512  6.703   -5.821  1.00 23.21 ? 9  DT  A "C5'" 1 
ATOM   168 C "C4'" . DT  A 1 9  ? -3.354  5.901   -6.325  1.00 21.05 ? 9  DT  A "C4'" 1 
ATOM   169 O "O4'" . DT  A 1 9  ? -3.183  4.737   -5.534  1.00 15.77 ? 9  DT  A "O4'" 1 
ATOM   170 C "C3'" . DT  A 1 9  ? -3.776  5.472   -7.709  1.00 28.73 ? 9  DT  A "C3'" 1 
ATOM   171 O "O3'" . DT  A 1 9  ? -2.608  5.283   -8.535  1.00 4.10  ? 9  DT  A "O3'" 1 
ATOM   172 C "C2'" . DT  A 1 9  ? -4.302  4.046   -7.474  1.00 30.86 ? 9  DT  A "C2'" 1 
ATOM   173 C "C1'" . DT  A 1 9  ? -3.344  3.568   -6.381  1.00 9.24  ? 9  DT  A "C1'" 1 
ATOM   174 N N1    . DT  A 1 9  ? -3.970  2.517   -5.552  1.00 12.53 ? 9  DT  A N1    1 
ATOM   175 C C2    . DT  A 1 9  ? -3.248  1.354   -5.347  1.00 2.00  ? 9  DT  A C2    1 
ATOM   176 O O2    . DT  A 1 9  ? -2.148  1.217   -5.875  1.00 2.00  ? 9  DT  A O2    1 
ATOM   177 N N3    . DT  A 1 9  ? -3.777  0.420   -4.515  1.00 3.68  ? 9  DT  A N3    1 
ATOM   178 C C4    . DT  A 1 9  ? -4.953  0.582   -3.859  1.00 6.13  ? 9  DT  A C4    1 
ATOM   179 O O4    . DT  A 1 9  ? -5.362  -0.333  -3.107  1.00 2.00  ? 9  DT  A O4    1 
ATOM   180 C C5    . DT  A 1 9  ? -5.700  1.786   -4.116  1.00 7.37  ? 9  DT  A C5    1 
ATOM   181 C C7    . DT  A 1 9  ? -7.028  2.040   -3.442  1.00 5.54  ? 9  DT  A C7    1 
ATOM   182 C C6    . DT  A 1 9  ? -5.178  2.701   -4.944  1.00 3.36  ? 9  DT  A C6    1 
ATOM   183 P P     . DC  A 1 10 ? -2.806  4.198   -9.704  1.00 18.55 ? 10 DC  A P     1 
ATOM   184 O OP1   . DC  A 1 10 ? -1.808  4.411   -10.751 1.00 25.20 ? 10 DC  A OP1   1 
ATOM   185 O OP2   . DC  A 1 10 ? -4.181  4.374   -10.244 1.00 18.26 ? 10 DC  A OP2   1 
ATOM   186 O "O5'" . DC  A 1 10 ? -2.649  2.683   -9.164  1.00 13.42 ? 10 DC  A "O5'" 1 
ATOM   187 C "C5'" . DC  A 1 10 ? -1.323  2.276   -8.806  1.00 26.52 ? 10 DC  A "C5'" 1 
ATOM   188 C "C4'" . DC  A 1 10 ? -0.826  1.065   -9.572  1.00 17.04 ? 10 DC  A "C4'" 1 
ATOM   189 O "O4'" . DC  A 1 10 ? -1.484  -0.072  -9.008  1.00 12.43 ? 10 DC  A "O4'" 1 
ATOM   190 C "C3'" . DC  A 1 10 ? -1.410  1.264   -10.959 1.00 17.02 ? 10 DC  A "C3'" 1 
ATOM   191 O "O3'" . DC  A 1 10 ? -0.666  0.430   -11.825 1.00 24.45 ? 10 DC  A "O3'" 1 
ATOM   192 C "C2'" . DC  A 1 10 ? -2.806  0.685   -10.803 1.00 27.58 ? 10 DC  A "C2'" 1 
ATOM   193 C "C1'" . DC  A 1 10 ? -2.568  -0.479  -9.840  1.00 16.51 ? 10 DC  A "C1'" 1 
ATOM   194 N N1    . DC  A 1 10 ? -3.738  -0.707  -8.967  1.00 9.88  ? 10 DC  A N1    1 
ATOM   195 C C2    . DC  A 1 10 ? -3.879  -1.985  -8.436  1.00 10.10 ? 10 DC  A C2    1 
ATOM   196 O O2    . DC  A 1 10 ? -3.073  -2.876  -8.707  1.00 18.68 ? 10 DC  A O2    1 
ATOM   197 N N3    . DC  A 1 10 ? -4.939  -2.215  -7.616  1.00 2.00  ? 10 DC  A N3    1 
ATOM   198 C C4    . DC  A 1 10 ? -5.826  -1.255  -7.301  1.00 8.22  ? 10 DC  A C4    1 
ATOM   199 N N4    . DC  A 1 10 ? -6.820  -1.529  -6.451  1.00 15.08 ? 10 DC  A N4    1 
ATOM   200 C C5    . DC  A 1 10 ? -5.697  0.055   -7.866  1.00 2.00  ? 10 DC  A C5    1 
ATOM   201 C C6    . DC  A 1 10 ? -4.643  0.268   -8.672  1.00 3.38  ? 10 DC  A C6    1 
ATOM   202 P P     . DG  A 1 11 ? -1.062  -0.759  -12.797 1.00 28.09 ? 11 DG  A P     1 
ATOM   203 O OP1   . DG  A 1 11 ? 0.146   -1.229  -13.534 1.00 2.00  ? 11 DG  A OP1   1 
ATOM   204 O OP2   . DG  A 1 11 ? -2.120  -0.323  -13.727 1.00 3.32  ? 11 DG  A OP2   1 
ATOM   205 O "O5'" . DG  A 1 11 ? -1.591  -2.052  -11.986 1.00 9.30  ? 11 DG  A "O5'" 1 
ATOM   206 C "C5'" . DG  A 1 11 ? -0.648  -3.105  -11.792 1.00 31.12 ? 11 DG  A "C5'" 1 
ATOM   207 C "C4'" . DG  A 1 11 ? -1.166  -4.497  -11.975 1.00 24.83 ? 11 DG  A "C4'" 1 
ATOM   208 O "O4'" . DG  A 1 11 ? -2.339  -4.689  -11.206 1.00 33.78 ? 11 DG  A "O4'" 1 
ATOM   209 C "C3'" . DG  A 1 11 ? -1.568  -4.568  -13.440 1.00 18.42 ? 11 DG  A "C3'" 1 
ATOM   210 O "O3'" . DG  A 1 11 ? -1.452  -5.950  -13.755 1.00 30.27 ? 11 DG  A "O3'" 1 
ATOM   211 C "C2'" . DG  A 1 11 ? -3.046  -4.209  -13.400 1.00 16.24 ? 11 DG  A "C2'" 1 
ATOM   212 C "C1'" . DG  A 1 11 ? -3.484  -4.811  -12.068 1.00 25.22 ? 11 DG  A "C1'" 1 
ATOM   213 N N9    . DG  A 1 11 ? -4.603  -4.087  -11.446 1.00 24.48 ? 11 DG  A N9    1 
ATOM   214 C C8    . DG  A 1 11 ? -5.030  -2.802  -11.661 1.00 24.59 ? 11 DG  A C8    1 
ATOM   215 N N7    . DG  A 1 11 ? -6.077  -2.466  -10.953 1.00 25.17 ? 11 DG  A N7    1 
ATOM   216 C C5    . DG  A 1 11 ? -6.334  -3.586  -10.171 1.00 18.18 ? 11 DG  A C5    1 
ATOM   217 C C6    . DG  A 1 11 ? -7.331  -3.832  -9.194  1.00 15.70 ? 11 DG  A C6    1 
ATOM   218 O O6    . DG  A 1 11 ? -8.205  -3.055  -8.805  1.00 16.49 ? 11 DG  A O6    1 
ATOM   219 N N1    . DG  A 1 11 ? -7.293  -5.106  -8.626  1.00 20.95 ? 11 DG  A N1    1 
ATOM   220 C C2    . DG  A 1 11 ? -6.349  -6.009  -9.018  1.00 20.53 ? 11 DG  A C2    1 
ATOM   221 N N2    . DG  A 1 11 ? -6.430  -7.192  -8.386  1.00 23.05 ? 11 DG  A N2    1 
ATOM   222 N N3    . DG  A 1 11 ? -5.373  -5.812  -9.902  1.00 19.42 ? 11 DG  A N3    1 
ATOM   223 C C4    . DG  A 1 11 ? -5.444  -4.585  -10.464 1.00 22.36 ? 11 DG  A C4    1 
ATOM   224 P P     . DC  A 1 12 ? -1.850  -6.715  -15.087 1.00 37.41 ? 12 DC  A P     1 
ATOM   225 O OP1   . DC  A 1 12 ? -0.851  -7.771  -15.367 1.00 2.00  ? 12 DC  A OP1   1 
ATOM   226 O OP2   . DC  A 1 12 ? -2.043  -5.722  -16.164 1.00 19.36 ? 12 DC  A OP2   1 
ATOM   227 O "O5'" . DC  A 1 12 ? -3.262  -7.462  -14.850 1.00 13.00 ? 12 DC  A "O5'" 1 
ATOM   228 C "C5'" . DC  A 1 12 ? -3.485  -8.138  -13.613 1.00 16.88 ? 12 DC  A "C5'" 1 
ATOM   229 C "C4'" . DC  A 1 12 ? -4.893  -8.525  -13.357 1.00 17.56 ? 12 DC  A "C4'" 1 
ATOM   230 O "O4'" . DC  A 1 12 ? -5.603  -7.499  -12.669 1.00 7.40  ? 12 DC  A "O4'" 1 
ATOM   231 C "C3'" . DC  A 1 12 ? -5.535  -8.697  -14.714 1.00 20.19 ? 12 DC  A "C3'" 1 
ATOM   232 O "O3'" . DC  A 1 12 ? -6.120  -9.955  -14.792 1.00 10.27 ? 12 DC  A "O3'" 1 
ATOM   233 C "C2'" . DC  A 1 12 ? -6.642  -7.651  -14.752 1.00 11.98 ? 12 DC  A "C2'" 1 
ATOM   234 C "C1'" . DC  A 1 12 ? -6.875  -7.373  -13.268 1.00 12.68 ? 12 DC  A "C1'" 1 
ATOM   235 N N1    . DC  A 1 12 ? -7.503  -6.072  -13.057 1.00 20.77 ? 12 DC  A N1    1 
ATOM   236 C C2    . DC  A 1 12 ? -8.564  -6.033  -12.149 1.00 17.94 ? 12 DC  A C2    1 
ATOM   237 O O2    . DC  A 1 12 ? -8.800  -6.996  -11.423 1.00 6.92  ? 12 DC  A O2    1 
ATOM   238 N N3    . DC  A 1 12 ? -9.281  -4.874  -12.063 1.00 16.19 ? 12 DC  A N3    1 
ATOM   239 C C4    . DC  A 1 12 ? -9.061  -3.814  -12.858 1.00 22.12 ? 12 DC  A C4    1 
ATOM   240 N N4    . DC  A 1 12 ? -9.830  -2.729  -12.747 1.00 23.63 ? 12 DC  A N4    1 
ATOM   241 C C5    . DC  A 1 12 ? -8.011  -3.866  -13.832 1.00 15.95 ? 12 DC  A C5    1 
ATOM   242 C C6    . DC  A 1 12 ? -7.288  -4.999  -13.887 1.00 18.38 ? 12 DC  A C6    1 
ATOM   243 P P     . DG  A 1 13 ? -6.187  -11.080 -15.867 1.00 20.18 ? 13 DG  A P     1 
ATOM   244 O OP1   . DG  A 1 13 ? -4.907  -11.593 -16.367 1.00 11.48 ? 13 DG  A OP1   1 
ATOM   245 O OP2   . DG  A 1 13 ? -7.070  -10.675 -16.979 1.00 28.62 ? 13 DG  A OP2   1 
ATOM   246 O "O5'" . DG  A 1 13 ? -6.921  -12.353 -15.115 1.00 23.56 ? 13 DG  A "O5'" 1 
ATOM   247 C "C5'" . DG  A 1 13 ? -6.938  -12.277 -13.679 1.00 17.82 ? 13 DG  A "C5'" 1 
ATOM   248 C "C4'" . DG  A 1 13 ? -8.341  -12.427 -13.118 1.00 24.87 ? 13 DG  A "C4'" 1 
ATOM   249 O "O4'" . DG  A 1 13 ? -8.896  -11.114 -13.056 1.00 19.81 ? 13 DG  A "O4'" 1 
ATOM   250 C "C3'" . DG  A 1 13 ? -9.059  -13.193 -14.208 1.00 23.90 ? 13 DG  A "C3'" 1 
ATOM   251 O "O3'" . DG  A 1 13 ? -10.162 -13.868 -13.625 1.00 11.14 ? 13 DG  A "O3'" 1 
ATOM   252 C "C2'" . DG  A 1 13 ? -9.637  -12.080 -15.070 1.00 32.72 ? 13 DG  A "C2'" 1 
ATOM   253 C "C1'" . DG  A 1 13 ? -9.951  -11.006 -14.029 1.00 25.03 ? 13 DG  A "C1'" 1 
ATOM   254 N N9    . DG  A 1 13 ? -9.868  -9.671  -14.654 1.00 27.82 ? 13 DG  A N9    1 
ATOM   255 C C8    . DG  A 1 13 ? -8.978  -9.219  -15.595 1.00 30.73 ? 13 DG  A C8    1 
ATOM   256 N N7    . DG  A 1 13 ? -9.172  -7.980  -15.954 1.00 24.20 ? 13 DG  A N7    1 
ATOM   257 C C5    . DG  A 1 13 ? -10.275 -7.584  -15.201 1.00 22.68 ? 13 DG  A C5    1 
ATOM   258 C C6    . DG  A 1 13 ? -10.957 -6.345  -15.134 1.00 27.90 ? 13 DG  A C6    1 
ATOM   259 O O6    . DG  A 1 13 ? -10.699 -5.307  -15.756 1.00 33.05 ? 13 DG  A O6    1 
ATOM   260 N N1    . DG  A 1 13 ? -12.012 -6.333  -14.233 1.00 26.21 ? 13 DG  A N1    1 
ATOM   261 C C2    . DG  A 1 13 ? -12.350 -7.429  -13.510 1.00 24.13 ? 13 DG  A C2    1 
ATOM   262 N N2    . DG  A 1 13 ? -13.427 -7.266  -12.719 1.00 31.45 ? 13 DG  A N2    1 
ATOM   263 N N3    . DG  A 1 13 ? -11.736 -8.610  -13.524 1.00 18.59 ? 13 DG  A N3    1 
ATOM   264 C C4    . DG  A 1 13 ? -10.710 -8.609  -14.407 1.00 27.06 ? 13 DG  A C4    1 
ATOM   265 O "O5'" . DC  B 1 1  ? -17.665 -0.844  -10.921 1.00 26.33 ? 14 DC  B "O5'" 1 
ATOM   266 C "C5'" . DC  B 1 1  ? -18.597 -1.452  -10.022 1.00 24.08 ? 14 DC  B "C5'" 1 
ATOM   267 C "C4'" . DC  B 1 1  ? -18.205 -2.881  -9.678  1.00 25.32 ? 14 DC  B "C4'" 1 
ATOM   268 O "O4'" . DC  B 1 1  ? -17.454 -3.370  -10.811 1.00 21.80 ? 14 DC  B "O4'" 1 
ATOM   269 C "C3'" . DC  B 1 1  ? -17.225 -2.694  -8.541  1.00 19.32 ? 14 DC  B "C3'" 1 
ATOM   270 O "O3'" . DC  B 1 1  ? -17.105 -3.977  -7.892  1.00 10.05 ? 14 DC  B "O3'" 1 
ATOM   271 C "C2'" . DC  B 1 1  ? -15.888 -2.539  -9.281  1.00 24.30 ? 14 DC  B "C2'" 1 
ATOM   272 C "C1'" . DC  B 1 1  ? -16.109 -3.551  -10.411 1.00 19.10 ? 14 DC  B "C1'" 1 
ATOM   273 N N1    . DC  B 1 1  ? -15.162 -3.338  -11.500 1.00 9.87  ? 14 DC  B N1    1 
ATOM   274 C C2    . DC  B 1 1  ? -14.389 -4.441  -11.854 1.00 8.19  ? 14 DC  B C2    1 
ATOM   275 O O2    . DC  B 1 1  ? -14.596 -5.528  -11.331 1.00 17.76 ? 14 DC  B O2    1 
ATOM   276 N N3    . DC  B 1 1  ? -13.450 -4.272  -12.830 1.00 15.09 ? 14 DC  B N3    1 
ATOM   277 C C4    . DC  B 1 1  ? -13.197 -3.072  -13.387 1.00 19.06 ? 14 DC  B C4    1 
ATOM   278 N N4    . DC  B 1 1  ? -12.223 -2.950  -14.284 1.00 16.06 ? 14 DC  B N4    1 
ATOM   279 C C5    . DC  B 1 1  ? -13.965 -1.925  -12.993 1.00 19.63 ? 14 DC  B C5    1 
ATOM   280 C C6    . DC  B 1 1  ? -14.925 -2.122  -12.067 1.00 15.45 ? 14 DC  B C6    1 
ATOM   281 P P     . DG  B 1 2  ? -17.585 -4.010  -6.360  1.00 21.14 ? 15 DG  B P     1 
ATOM   282 O OP1   . DG  B 1 2  ? -18.441 -5.183  -6.146  1.00 12.63 ? 15 DG  B OP1   1 
ATOM   283 O OP2   . DG  B 1 2  ? -18.318 -2.728  -6.189  1.00 6.52  ? 15 DG  B OP2   1 
ATOM   284 O "O5'" . DG  B 1 2  ? -16.370 -4.111  -5.330  1.00 14.43 ? 15 DG  B "O5'" 1 
ATOM   285 C "C5'" . DG  B 1 2  ? -16.564 -4.803  -4.070  1.00 19.40 ? 15 DG  B "C5'" 1 
ATOM   286 C "C4'" . DG  B 1 2  ? -16.271 -6.298  -4.316  1.00 23.85 ? 15 DG  B "C4'" 1 
ATOM   287 O "O4'" . DG  B 1 2  ? -15.746 -6.298  -5.650  1.00 33.84 ? 15 DG  B "O4'" 1 
ATOM   288 C "C3'" . DG  B 1 2  ? -15.094 -6.546  -3.386  1.00 18.30 ? 15 DG  B "C3'" 1 
ATOM   289 O "O3'" . DG  B 1 2  ? -14.872 -7.959  -3.420  1.00 23.60 ? 15 DG  B "O3'" 1 
ATOM   290 C "C2'" . DG  B 1 2  ? -13.931 -5.957  -4.193  1.00 34.44 ? 15 DG  B "C2'" 1 
ATOM   291 C "C1'" . DG  B 1 2  ? -14.313 -6.333  -5.622  1.00 29.96 ? 15 DG  B "C1'" 1 
ATOM   292 N N9    . DG  B 1 2  ? -13.836 -5.318  -6.584  1.00 28.37 ? 15 DG  B N9    1 
ATOM   293 C C8    . DG  B 1 2  ? -14.168 -3.985  -6.641  1.00 29.33 ? 15 DG  B C8    1 
ATOM   294 N N7    . DG  B 1 2  ? -13.595 -3.338  -7.614  1.00 28.96 ? 15 DG  B N7    1 
ATOM   295 C C5    . DG  B 1 2  ? -12.846 -4.308  -8.269  1.00 27.44 ? 15 DG  B C5    1 
ATOM   296 C C6    . DG  B 1 2  ? -12.032 -4.235  -9.429  1.00 27.54 ? 15 DG  B C6    1 
ATOM   297 O O6    . DG  B 1 2  ? -11.770 -3.238  -10.118 1.00 29.97 ? 15 DG  B O6    1 
ATOM   298 N N1    . DG  B 1 2  ? -11.448 -5.431  -9.790  1.00 10.08 ? 15 DG  B N1    1 
ATOM   299 C C2    . DG  B 1 2  ? -11.688 -6.579  -9.101  1.00 16.26 ? 15 DG  B C2    1 
ATOM   300 N N2    . DG  B 1 2  ? -11.026 -7.653  -9.561  1.00 20.50 ? 15 DG  B N2    1 
ATOM   301 N N3    . DG  B 1 2  ? -12.452 -6.706  -8.017  1.00 22.21 ? 15 DG  B N3    1 
ATOM   302 C C4    . DG  B 1 2  ? -12.985 -5.520  -7.648  1.00 25.05 ? 15 DG  B C4    1 
ATOM   303 P P     . DC  B 1 3  ? -13.781 -8.700  -2.561  1.00 21.83 ? 16 DC  B P     1 
ATOM   304 O OP1   . DC  B 1 3  ? -14.451 -9.627  -1.615  1.00 27.55 ? 16 DC  B OP1   1 
ATOM   305 O OP2   . DC  B 1 3  ? -13.002 -7.721  -1.769  1.00 47.02 ? 16 DC  B OP2   1 
ATOM   306 O "O5'" . DC  B 1 3  ? -12.696 -9.553  -3.388  1.00 35.48 ? 16 DC  B "O5'" 1 
ATOM   307 C "C5'" . DC  B 1 3  ? -11.852 -10.415 -2.618  1.00 38.73 ? 16 DC  B "C5'" 1 
ATOM   308 C "C4'" . DC  B 1 3  ? -10.387 -10.283 -2.852  1.00 40.12 ? 16 DC  B "C4'" 1 
ATOM   309 O "O4'" . DC  B 1 3  ? -10.119 -9.472  -3.985  1.00 39.80 ? 16 DC  B "O4'" 1 
ATOM   310 C "C3'" . DC  B 1 3  ? -9.838  -9.594  -1.629  1.00 37.19 ? 16 DC  B "C3'" 1 
ATOM   311 O "O3'" . DC  B 1 3  ? -8.635  -10.250 -1.259  1.00 40.37 ? 16 DC  B "O3'" 1 
ATOM   312 C "C2'" . DC  B 1 3  ? -9.475  -8.203  -2.132  1.00 36.68 ? 16 DC  B "C2'" 1 
ATOM   313 C "C1'" . DC  B 1 3  ? -9.173  -8.451  -3.623  1.00 33.81 ? 16 DC  B "C1'" 1 
ATOM   314 N N1    . DC  B 1 3  ? -9.431  -7.243  -4.422  1.00 31.86 ? 16 DC  B N1    1 
ATOM   315 C C2    . DC  B 1 3  ? -8.730  -7.069  -5.620  1.00 32.98 ? 16 DC  B C2    1 
ATOM   316 O O2    . DC  B 1 3  ? -7.957  -7.948  -6.001  1.00 35.71 ? 16 DC  B O2    1 
ATOM   317 N N3    . DC  B 1 3  ? -8.966  -5.942  -6.340  1.00 26.86 ? 16 DC  B N3    1 
ATOM   318 C C4    . DC  B 1 3  ? -9.817  -4.982  -5.904  1.00 29.14 ? 16 DC  B C4    1 
ATOM   319 N N4    . DC  B 1 3  ? -9.995  -3.898  -6.661  1.00 32.20 ? 16 DC  B N4    1 
ATOM   320 C C5    . DC  B 1 3  ? -10.483 -5.123  -4.655  1.00 35.44 ? 16 DC  B C5    1 
ATOM   321 C C6    . DC  B 1 3  ? -10.260 -6.255  -3.965  1.00 32.99 ? 16 DC  B C6    1 
ATOM   322 P P     . DA  B 1 4  ? -8.295  -10.764 0.226   1.00 30.48 ? 17 DA  B P     1 
ATOM   323 O OP1   . DA  B 1 4  ? -9.482  -11.496 0.740   1.00 37.46 ? 17 DA  B OP1   1 
ATOM   324 O OP2   . DA  B 1 4  ? -8.002  -9.623  1.103   1.00 26.29 ? 17 DA  B OP2   1 
ATOM   325 O "O5'" . DA  B 1 4  ? -7.039  -11.772 0.217   1.00 21.20 ? 17 DA  B "O5'" 1 
ATOM   326 C "C5'" . DA  B 1 4  ? -7.179  -13.124 0.632   1.00 14.73 ? 17 DA  B "C5'" 1 
ATOM   327 C "C4'" . DA  B 1 4  ? -7.552  -14.097 -0.477  1.00 17.11 ? 17 DA  B "C4'" 1 
ATOM   328 O "O4'" . DA  B 1 4  ? -7.985  -15.281 0.213   1.00 19.73 ? 17 DA  B "O4'" 1 
ATOM   329 C "C3'" . DA  B 1 4  ? -8.764  -13.474 -1.122  1.00 22.01 ? 17 DA  B "C3'" 1 
ATOM   330 O "O3'" . DA  B 1 4  ? -8.607  -13.777 -2.549  1.00 32.45 ? 17 DA  B "O3'" 1 
ATOM   331 C "C2'" . DA  B 1 4  ? -9.927  -14.440 -0.821  1.00 20.94 ? 17 DA  B "C2'" 1 
ATOM   332 C "C1'" . DA  B 1 4  ? -9.265  -15.634 -0.239  1.00 14.30 ? 17 DA  B "C1'" 1 
ATOM   333 N N9    . DA  B 1 4  ? -10.032 -16.416 0.704   1.00 2.00  ? 17 DA  B N9    1 
ATOM   334 C C8    . DA  B 1 4  ? -11.253 -16.106 1.275   1.00 3.68  ? 17 DA  B C8    1 
ATOM   335 N N7    . DA  B 1 4  ? -11.690 -17.006 2.114   1.00 6.57  ? 17 DA  B N7    1 
ATOM   336 C C5    . DA  B 1 4  ? -10.718 -18.007 2.059   1.00 2.00  ? 17 DA  B C5    1 
ATOM   337 C C6    . DA  B 1 4  ? -10.618 -19.236 2.747   1.00 2.00  ? 17 DA  B C6    1 
ATOM   338 N N6    . DA  B 1 4  ? -11.533 -19.697 3.577   1.00 3.54  ? 17 DA  B N6    1 
ATOM   339 N N1    . DA  B 1 4  ? -9.497  -19.975 2.437   1.00 6.92  ? 17 DA  B N1    1 
ATOM   340 C C2    . DA  B 1 4  ? -8.556  -19.508 1.568   1.00 8.35  ? 17 DA  B C2    1 
ATOM   341 N N3    . DA  B 1 4  ? -8.595  -18.359 0.904   1.00 2.00  ? 17 DA  B N3    1 
ATOM   342 C C4    . DA  B 1 4  ? -9.721  -17.663 1.183   1.00 2.00  ? 17 DA  B C4    1 
ATOM   343 P P     . DG  B 1 5  ? -7.469  -13.859 -3.605  1.00 31.39 ? 18 DG  B P     1 
ATOM   344 O OP1   . DG  B 1 5  ? -8.003  -14.195 -4.952  1.00 6.79  ? 18 DG  B OP1   1 
ATOM   345 O OP2   . DG  B 1 5  ? -6.479  -14.935 -3.351  1.00 27.33 ? 18 DG  B OP2   1 
ATOM   346 O "O5'" . DG  B 1 5  ? -6.752  -12.447 -3.677  1.00 32.51 ? 18 DG  B "O5'" 1 
ATOM   347 C "C5'" . DG  B 1 5  ? -5.528  -12.049 -3.029  1.00 23.34 ? 18 DG  B "C5'" 1 
ATOM   348 C "C4'" . DG  B 1 5  ? -4.815  -11.022 -3.840  1.00 15.42 ? 18 DG  B "C4'" 1 
ATOM   349 O "O4'" . DG  B 1 5  ? -5.566  -9.812  -3.887  1.00 22.68 ? 18 DG  B "O4'" 1 
ATOM   350 C "C3'" . DG  B 1 5  ? -3.548  -10.664 -3.081  1.00 11.45 ? 18 DG  B "C3'" 1 
ATOM   351 O "O3'" . DG  B 1 5  ? -2.555  -11.492 -3.699  1.00 6.66  ? 18 DG  B "O3'" 1 
ATOM   352 C "C2'" . DG  B 1 5  ? -3.293  -9.234  -3.589  1.00 9.90  ? 18 DG  B "C2'" 1 
ATOM   353 C "C1'" . DG  B 1 5  ? -4.599  -8.772  -4.063  1.00 11.79 ? 18 DG  B "C1'" 1 
ATOM   354 N N9    . DG  B 1 5  ? -5.177  -7.470  -3.871  1.00 6.23  ? 18 DG  B N9    1 
ATOM   355 C C8    . DG  B 1 5  ? -6.172  -7.101  -2.980  1.00 6.41  ? 18 DG  B C8    1 
ATOM   356 N N7    . DG  B 1 5  ? -6.605  -5.883  -3.131  1.00 3.44  ? 18 DG  B N7    1 
ATOM   357 C C5    . DG  B 1 5  ? -5.955  -5.435  -4.278  1.00 2.00  ? 18 DG  B C5    1 
ATOM   358 C C6    . DG  B 1 5  ? -6.012  -4.192  -4.948  1.00 2.00  ? 18 DG  B C6    1 
ATOM   359 O O6    . DG  B 1 5  ? -6.688  -3.195  -4.675  1.00 2.00  ? 18 DG  B O6    1 
ATOM   360 N N1    . DG  B 1 5  ? -5.160  -4.101  -6.030  1.00 3.51  ? 18 DG  B N1    1 
ATOM   361 C C2    . DG  B 1 5  ? -4.325  -5.112  -6.385  1.00 10.91 ? 18 DG  B C2    1 
ATOM   362 N N2    . DG  B 1 5  ? -3.538  -4.832  -7.435  1.00 7.29  ? 18 DG  B N2    1 
ATOM   363 N N3    . DG  B 1 5  ? -4.243  -6.307  -5.789  1.00 7.00  ? 18 DG  B N3    1 
ATOM   364 C C4    . DG  B 1 5  ? -5.110  -6.401  -4.757  1.00 2.00  ? 18 DG  B C4    1 
ATOM   365 P P     . DA  B 1 6  ? -1.010  -11.273 -3.515  1.00 16.72 ? 19 DA  B P     1 
ATOM   366 O OP1   . DA  B 1 6  ? -0.170  -12.323 -4.111  1.00 3.06  ? 19 DA  B OP1   1 
ATOM   367 O OP2   . DA  B 1 6  ? -0.794  -11.221 -2.066  1.00 15.58 ? 19 DA  B OP2   1 
ATOM   368 O "O5'" . DA  B 1 6  ? -0.622  -9.885  -4.274  1.00 24.97 ? 19 DA  B "O5'" 1 
ATOM   369 C "C5'" . DA  B 1 6  ? -0.799  -9.875  -5.693  1.00 15.92 ? 19 DA  B "C5'" 1 
ATOM   370 C "C4'" . DA  B 1 6  ? -0.149  -8.774  -6.454  1.00 12.39 ? 19 DA  B "C4'" 1 
ATOM   371 O "O4'" . DA  B 1 6  ? -0.862  -7.558  -6.314  1.00 2.00  ? 19 DA  B "O4'" 1 
ATOM   372 C "C3'" . DA  B 1 6  ? 1.201   -8.608  -5.796  1.00 22.07 ? 19 DA  B "C3'" 1 
ATOM   373 O "O3'" . DA  B 1 6  ? 2.101   -8.124  -6.784  1.00 31.76 ? 19 DA  B "O3'" 1 
ATOM   374 C "C2'" . DA  B 1 6  ? 0.954   -7.450  -4.825  1.00 24.83 ? 19 DA  B "C2'" 1 
ATOM   375 C "C1'" . DA  B 1 6  ? -0.076  -6.609  -5.577  1.00 14.34 ? 19 DA  B "C1'" 1 
ATOM   376 N N9    . DA  B 1 6  ? -0.954  -5.894  -4.632  1.00 12.26 ? 19 DA  B N9    1 
ATOM   377 C C8    . DA  B 1 6  ? -1.385  -6.306  -3.399  1.00 17.33 ? 19 DA  B C8    1 
ATOM   378 N N7    . DA  B 1 6  ? -2.156  -5.430  -2.795  1.00 22.56 ? 19 DA  B N7    1 
ATOM   379 C C5    . DA  B 1 6  ? -2.220  -4.361  -3.679  1.00 13.17 ? 19 DA  B C5    1 
ATOM   380 C C6    . DA  B 1 6  ? -2.907  -3.132  -3.611  1.00 15.34 ? 19 DA  B C6    1 
ATOM   381 N N6    . DA  B 1 6  ? -3.692  -2.728  -2.630  1.00 14.92 ? 19 DA  B N6    1 
ATOM   382 N N1    . DA  B 1 6  ? -2.734  -2.300  -4.704  1.00 15.58 ? 19 DA  B N1    1 
ATOM   383 C C2    . DA  B 1 6  ? -1.980  -2.697  -5.764  1.00 26.00 ? 19 DA  B C2    1 
ATOM   384 N N3    . DA  B 1 6  ? -1.342  -3.860  -5.903  1.00 17.37 ? 19 DA  B N3    1 
ATOM   385 C C4    . DA  B 1 6  ? -1.491  -4.640  -4.807  1.00 10.83 ? 19 DA  B C4    1 
ATOM   386 P P     . DA  B 1 7  ? 3.630   -7.811  -6.417  1.00 32.68 ? 20 DA  B P     1 
ATOM   387 O OP1   . DA  B 1 7  ? 4.544   -8.666  -7.185  1.00 31.15 ? 20 DA  B OP1   1 
ATOM   388 O OP2   . DA  B 1 7  ? 3.811   -8.134  -4.980  1.00 34.69 ? 20 DA  B OP2   1 
ATOM   389 O "O5'" . DA  B 1 7  ? 3.914   -6.255  -6.656  1.00 7.96  ? 20 DA  B "O5'" 1 
ATOM   390 C "C5'" . DA  B 1 7  ? 3.298   -5.566  -7.729  1.00 23.34 ? 20 DA  B "C5'" 1 
ATOM   391 C "C4'" . DA  B 1 7  ? 3.241   -4.088  -7.637  1.00 30.59 ? 20 DA  B "C4'" 1 
ATOM   392 O "O4'" . DA  B 1 7  ? 2.263   -3.647  -6.710  1.00 23.08 ? 20 DA  B "O4'" 1 
ATOM   393 C "C3'" . DA  B 1 7  ? 4.602   -3.643  -7.135  1.00 24.50 ? 20 DA  B "C3'" 1 
ATOM   394 O "O3'" . DA  B 1 7  ? 4.805   -2.346  -7.713  1.00 22.54 ? 20 DA  B "O3'" 1 
ATOM   395 C "C2'" . DA  B 1 7  ? 4.329   -3.371  -5.646  1.00 23.78 ? 20 DA  B "C2'" 1 
ATOM   396 C "C1'" . DA  B 1 7  ? 2.911   -2.806  -5.736  1.00 14.36 ? 20 DA  B "C1'" 1 
ATOM   397 N N9    . DA  B 1 7  ? 2.184   -2.878  -4.474  1.00 18.21 ? 20 DA  B N9    1 
ATOM   398 C C8    . DA  B 1 7  ? 2.321   -3.774  -3.437  1.00 18.50 ? 20 DA  B C8    1 
ATOM   399 N N7    . DA  B 1 7  ? 1.468   -3.586  -2.456  1.00 6.76  ? 20 DA  B N7    1 
ATOM   400 C C5    . DA  B 1 7  ? 0.749   -2.465  -2.849  1.00 2.83  ? 20 DA  B C5    1 
ATOM   401 C C6    . DA  B 1 7  ? -0.243  -1.732  -2.194  1.00 7.63  ? 20 DA  B C6    1 
ATOM   402 N N6    . DA  B 1 7  ? -0.792  -2.057  -1.028  1.00 2.00  ? 20 DA  B N6    1 
ATOM   403 N N1    . DA  B 1 7  ? -0.778  -0.657  -2.885  1.00 11.21 ? 20 DA  B N1    1 
ATOM   404 C C2    . DA  B 1 7  ? -0.290  -0.353  -4.133  1.00 14.02 ? 20 DA  B C2    1 
ATOM   405 N N3    . DA  B 1 7  ? 0.683   -0.979  -4.794  1.00 2.00  ? 20 DA  B N3    1 
ATOM   406 C C4    . DA  B 1 7  ? 1.179   -2.014  -4.075  1.00 7.54  ? 20 DA  B C4    1 
ATOM   407 P P     . DT  B 1 8  ? 5.792   -1.207  -7.155  1.00 7.51  ? 21 DT  B P     1 
ATOM   408 O OP1   . DT  B 1 8  ? 6.318   -0.485  -8.340  1.00 19.59 ? 21 DT  B OP1   1 
ATOM   409 O OP2   . DT  B 1 8  ? 6.905   -1.878  -6.484  1.00 2.00  ? 21 DT  B OP2   1 
ATOM   410 O "O5'" . DT  B 1 8  ? 4.988   -0.169  -6.238  1.00 2.00  ? 21 DT  B "O5'" 1 
ATOM   411 C "C5'" . DT  B 1 8  ? 4.583   1.058   -6.814  1.00 4.08  ? 21 DT  B "C5'" 1 
ATOM   412 C "C4'" . DT  B 1 8  ? 3.820   1.996   -5.941  1.00 20.37 ? 21 DT  B "C4'" 1 
ATOM   413 O "O4'" . DT  B 1 8  ? 3.128   1.274   -4.926  1.00 22.94 ? 21 DT  B "O4'" 1 
ATOM   414 C "C3'" . DT  B 1 8  ? 4.869   2.849   -5.262  1.00 27.52 ? 21 DT  B "C3'" 1 
ATOM   415 O "O3'" . DT  B 1 8  ? 4.301   4.158   -5.069  1.00 22.44 ? 21 DT  B "O3'" 1 
ATOM   416 C "C2'" . DT  B 1 8  ? 4.970   2.233   -3.862  1.00 28.68 ? 21 DT  B "C2'" 1 
ATOM   417 C "C1'" . DT  B 1 8  ? 3.545   1.781   -3.657  1.00 25.19 ? 21 DT  B "C1'" 1 
ATOM   418 N N1    . DT  B 1 8  ? 3.313   0.847   -2.569  1.00 15.97 ? 21 DT  B N1    1 
ATOM   419 C C2    . DT  B 1 8  ? 2.238   1.154   -1.727  1.00 17.70 ? 21 DT  B C2    1 
ATOM   420 O O2    . DT  B 1 8  ? 1.576   2.178   -1.912  1.00 27.04 ? 21 DT  B O2    1 
ATOM   421 N N3    . DT  B 1 8  ? 1.964   0.298   -0.714  1.00 12.45 ? 21 DT  B N3    1 
ATOM   422 C C4    . DT  B 1 8  ? 2.658   -0.821  -0.449  1.00 18.14 ? 21 DT  B C4    1 
ATOM   423 O O4    . DT  B 1 8  ? 2.332   -1.528  0.533   1.00 12.22 ? 21 DT  B O4    1 
ATOM   424 C C5    . DT  B 1 8  ? 3.761   -1.130  -1.326  1.00 16.59 ? 21 DT  B C5    1 
ATOM   425 C C7    . DT  B 1 8  ? 4.601   -2.360  -1.074  1.00 12.17 ? 21 DT  B C7    1 
ATOM   426 C C6    . DT  B 1 8  ? 4.040   -0.281  -2.327  1.00 11.02 ? 21 DT  B C6    1 
ATOM   427 P P     . DT  B 1 9  ? 5.260   5.385   -5.488  1.00 19.58 ? 22 DT  B P     1 
ATOM   428 O OP1   . DT  B 1 9  ? 4.904   5.761   -6.869  1.00 26.24 ? 22 DT  B OP1   1 
ATOM   429 O OP2   . DT  B 1 9  ? 6.664   4.939   -5.341  1.00 19.15 ? 22 DT  B OP2   1 
ATOM   430 O "O5'" . DT  B 1 9  ? 5.065   6.679   -4.589  1.00 22.87 ? 22 DT  B "O5'" 1 
ATOM   431 C "C5'" . DT  B 1 9  ? 3.763   7.292   -4.654  1.00 27.58 ? 22 DT  B "C5'" 1 
ATOM   432 C "C4'" . DT  B 1 9  ? 2.927   6.867   -3.466  1.00 12.88 ? 22 DT  B "C4'" 1 
ATOM   433 O "O4'" . DT  B 1 9  ? 3.574   5.713   -2.901  1.00 12.20 ? 22 DT  B "O4'" 1 
ATOM   434 C "C3'" . DT  B 1 9  ? 3.214   8.009   -2.464  1.00 6.66  ? 22 DT  B "C3'" 1 
ATOM   435 O "O3'" . DT  B 1 9  ? 1.954   8.689   -2.432  1.00 13.46 ? 22 DT  B "O3'" 1 
ATOM   436 C "C2'" . DT  B 1 9  ? 3.305   7.245   -1.129  1.00 8.38  ? 22 DT  B "C2'" 1 
ATOM   437 C "C1'" . DT  B 1 9  ? 3.608   5.882   -1.522  1.00 5.43  ? 22 DT  B "C1'" 1 
ATOM   438 N N1    . DT  B 1 9  ? 3.851   4.746   -0.709  1.00 8.58  ? 22 DT  B N1    1 
ATOM   439 C C2    . DT  B 1 9  ? 2.908   4.437   0.285   1.00 2.00  ? 22 DT  B C2    1 
ATOM   440 O O2    . DT  B 1 9  ? 1.940   5.173   0.481   1.00 3.57  ? 22 DT  B O2    1 
ATOM   441 N N3    . DT  B 1 9  ? 3.093   3.311   1.024   1.00 2.00  ? 22 DT  B N3    1 
ATOM   442 C C4    . DT  B 1 9  ? 4.125   2.460   0.842   1.00 5.50  ? 22 DT  B C4    1 
ATOM   443 O O4    . DT  B 1 9  ? 4.213   1.445   1.567   1.00 2.00  ? 22 DT  B O4    1 
ATOM   444 C C5    . DT  B 1 9  ? 5.088   2.770   -0.184  1.00 4.26  ? 22 DT  B C5    1 
ATOM   445 C C7    . DT  B 1 9  ? 6.283   1.865   -0.374  1.00 2.00  ? 22 DT  B C7    1 
ATOM   446 C C6    . DT  B 1 9  ? 4.889   3.861   -0.923  1.00 2.00  ? 22 DT  B C6    1 
ATOM   447 P P     . DC  B 1 10 ? 1.658   10.218  -2.286  1.00 15.25 ? 23 DC  B P     1 
ATOM   448 O OP1   . DC  B 1 10 ? 0.270   10.608  -2.508  1.00 14.52 ? 23 DC  B OP1   1 
ATOM   449 O OP2   . DC  B 1 10 ? 2.522   10.978  -3.221  1.00 15.90 ? 23 DC  B OP2   1 
ATOM   450 O "O5'" . DC  B 1 10 ? 2.080   10.571  -0.744  1.00 27.81 ? 23 DC  B "O5'" 1 
ATOM   451 C "C5'" . DC  B 1 10 ? 2.410   9.430   0.062   1.00 20.15 ? 23 DC  B "C5'" 1 
ATOM   452 C "C4'" . DC  B 1 10 ? 1.660   9.387   1.378   1.00 9.08  ? 23 DC  B "C4'" 1 
ATOM   453 O "O4'" . DC  B 1 10 ? 1.900   8.073   1.899   1.00 2.00  ? 23 DC  B "O4'" 1 
ATOM   454 C "C3'" . DC  B 1 10 ? 2.448   10.359  2.233   1.00 10.24 ? 23 DC  B "C3'" 1 
ATOM   455 O "O3'" . DC  B 1 10 ? 1.586   10.889  3.210   1.00 26.25 ? 23 DC  B "O3'" 1 
ATOM   456 C "C2'" . DC  B 1 10 ? 3.498   9.485   2.893   1.00 2.00  ? 23 DC  B "C2'" 1 
ATOM   457 C "C1'" . DC  B 1 10 ? 2.807   8.132   2.994   1.00 2.00  ? 23 DC  B "C1'" 1 
ATOM   458 N N1    . DC  B 1 10 ? 3.765   7.020   2.854   1.00 3.21  ? 23 DC  B N1    1 
ATOM   459 C C2    . DC  B 1 10 ? 3.729   6.035   3.841   1.00 12.86 ? 23 DC  B C2    1 
ATOM   460 O O2    . DC  B 1 10 ? 2.934   6.098   4.777   1.00 10.57 ? 23 DC  B O2    1 
ATOM   461 N N3    . DC  B 1 10 ? 4.600   4.988   3.721   1.00 2.00  ? 23 DC  B N3    1 
ATOM   462 C C4    . DC  B 1 10 ? 5.514   4.905   2.742   1.00 2.00  ? 23 DC  B C4    1 
ATOM   463 N N4    . DC  B 1 10 ? 6.346   3.872   2.704   1.00 2.00  ? 23 DC  B N4    1 
ATOM   464 C C5    . DC  B 1 10 ? 5.566   5.926   1.743   1.00 4.47  ? 23 DC  B C5    1 
ATOM   465 C C6    . DC  B 1 10 ? 4.672   6.936   1.840   1.00 8.78  ? 23 DC  B C6    1 
ATOM   466 P P     . DG  B 1 11 ? 1.829   12.168  4.164   1.00 22.43 ? 24 DG  B P     1 
ATOM   467 O OP1   . DG  B 1 11 ? 0.610   12.891  4.510   1.00 2.00  ? 24 DG  B OP1   1 
ATOM   468 O OP2   . DG  B 1 11 ? 2.726   13.105  3.415   1.00 16.92 ? 24 DG  B OP2   1 
ATOM   469 O "O5'" . DG  B 1 11 ? 2.663   11.704  5.461   1.00 23.93 ? 24 DG  B "O5'" 1 
ATOM   470 C "C5'" . DG  B 1 11 ? 2.407   10.615  6.295   1.00 2.00  ? 24 DG  B "C5'" 1 
ATOM   471 C "C4'" . DG  B 1 11 ? 3.144   10.414  7.535   1.00 17.19 ? 24 DG  B "C4'" 1 
ATOM   472 O "O4'" . DG  B 1 11 ? 4.441   9.888   7.407   1.00 16.61 ? 24 DG  B "O4'" 1 
ATOM   473 C "C3'" . DG  B 1 11 ? 3.224   11.721  8.270   1.00 15.17 ? 24 DG  B "C3'" 1 
ATOM   474 O "O3'" . DG  B 1 11 ? 3.113   11.370  9.677   1.00 26.20 ? 24 DG  B "O3'" 1 
ATOM   475 C "C2'" . DG  B 1 11 ? 4.722   12.075  8.134   1.00 18.27 ? 24 DG  B "C2'" 1 
ATOM   476 C "C1'" . DG  B 1 11 ? 5.334   10.677  8.264   1.00 4.85  ? 24 DG  B "C1'" 1 
ATOM   477 N N9    . DG  B 1 11 ? 6.675   10.611  7.668   1.00 2.00  ? 24 DG  B N9    1 
ATOM   478 C C8    . DG  B 1 11 ? 7.242   11.486  6.780   1.00 2.00  ? 24 DG  B C8    1 
ATOM   479 N N7    . DG  B 1 11 ? 8.387   11.081  6.302   1.00 2.00  ? 24 DG  B N7    1 
ATOM   480 C C5    . DG  B 1 11 ? 8.606   9.861   6.928   1.00 2.00  ? 24 DG  B C5    1 
ATOM   481 C C6    . DG  B 1 11 ? 9.680   8.946   6.832   1.00 2.00  ? 24 DG  B C6    1 
ATOM   482 O O6    . DG  B 1 11 ? 10.714  9.055   6.171   1.00 2.00  ? 24 DG  B O6    1 
ATOM   483 N N1    . DG  B 1 11 ? 9.524   7.811   7.598   1.00 2.00  ? 24 DG  B N1    1 
ATOM   484 C C2    . DG  B 1 11 ? 8.435   7.620   8.379   1.00 2.00  ? 24 DG  B C2    1 
ATOM   485 N N2    . DG  B 1 11 ? 8.452   6.477   9.082   1.00 2.00  ? 24 DG  B N2    1 
ATOM   486 N N3    . DG  B 1 11 ? 7.407   8.453   8.510   1.00 2.00  ? 24 DG  B N3    1 
ATOM   487 C C4    . DG  B 1 11 ? 7.564   9.562   7.761   1.00 2.00  ? 24 DG  B C4    1 
ATOM   488 P P     . DC  B 1 12 ? 2.190   12.238  10.655  1.00 26.98 ? 25 DC  B P     1 
ATOM   489 O OP1   . DC  B 1 12 ? 0.858   12.388  10.003  1.00 41.66 ? 25 DC  B OP1   1 
ATOM   490 O OP2   . DC  B 1 12 ? 2.715   13.603  10.831  1.00 33.51 ? 25 DC  B OP2   1 
ATOM   491 O "O5'" . DC  B 1 12 ? 2.040   11.457  12.025  1.00 24.03 ? 25 DC  B "O5'" 1 
ATOM   492 C "C5'" . DC  B 1 12 ? 3.102   11.137  12.912  1.00 8.60  ? 25 DC  B "C5'" 1 
ATOM   493 C "C4'" . DC  B 1 12 ? 3.449   9.644   12.888  1.00 2.00  ? 25 DC  B "C4'" 1 
ATOM   494 O "O4'" . DC  B 1 12 ? 4.414   9.544   11.829  1.00 2.00  ? 25 DC  B "O4'" 1 
ATOM   495 C "C3'" . DC  B 1 12 ? 4.211   9.476   14.185  1.00 12.72 ? 25 DC  B "C3'" 1 
ATOM   496 O "O3'" . DC  B 1 12 ? 3.456   8.576   15.012  1.00 2.00  ? 25 DC  B "O3'" 1 
ATOM   497 C "C2'" . DC  B 1 12 ? 5.441   8.668   13.793  1.00 9.74  ? 25 DC  B "C2'" 1 
ATOM   498 C "C1'" . DC  B 1 12 ? 5.609   8.957   12.351  1.00 13.34 ? 25 DC  B "C1'" 1 
ATOM   499 N N1    . DC  B 1 12 ? 6.767   9.754   11.944  1.00 14.01 ? 25 DC  B N1    1 
ATOM   500 C C2    . DC  B 1 12 ? 7.994   9.100   11.915  1.00 11.01 ? 25 DC  B C2    1 
ATOM   501 O O2    . DC  B 1 12 ? 8.115   7.981   12.403  1.00 10.28 ? 25 DC  B O2    1 
ATOM   502 N N3    . DC  B 1 12 ? 9.044   9.732   11.308  1.00 9.18  ? 25 DC  B N3    1 
ATOM   503 C C4    . DC  B 1 12 ? 8.913   10.921  10.702  1.00 2.00  ? 25 DC  B C4    1 
ATOM   504 N N4    . DC  B 1 12 ? 9.958   11.474  10.083  1.00 2.87  ? 25 DC  B N4    1 
ATOM   505 C C5    . DC  B 1 12 ? 7.645   11.588  10.695  1.00 9.64  ? 25 DC  B C5    1 
ATOM   506 C C6    . DC  B 1 12 ? 6.623   10.967  11.311  1.00 10.99 ? 25 DC  B C6    1 
ATOM   507 P P     . DG  B 1 13 ? 3.373   8.840   16.580  1.00 11.97 ? 26 DG  B P     1 
ATOM   508 O OP1   . DG  B 1 13 ? 3.608   7.658   17.426  1.00 3.74  ? 26 DG  B OP1   1 
ATOM   509 O OP2   . DG  B 1 13 ? 2.074   9.471   16.847  1.00 6.13  ? 26 DG  B OP2   1 
ATOM   510 O "O5'" . DG  B 1 13 ? 4.584   9.864   16.953  1.00 16.34 ? 26 DG  B "O5'" 1 
ATOM   511 C "C5'" . DG  B 1 13 ? 5.880   9.221   16.998  1.00 18.34 ? 26 DG  B "C5'" 1 
ATOM   512 C "C4'" . DG  B 1 13 ? 6.992   10.261  16.851  1.00 8.93  ? 26 DG  B "C4'" 1 
ATOM   513 O "O4'" . DG  B 1 13 ? 6.413   11.311  16.079  1.00 2.00  ? 26 DG  B "O4'" 1 
ATOM   514 C "C3'" . DG  B 1 13 ? 7.107   10.785  18.279  1.00 4.89  ? 26 DG  B "C3'" 1 
ATOM   515 O "O3'" . DG  B 1 13 ? 8.267   11.622  18.249  1.00 10.47 ? 26 DG  B "O3'" 1 
ATOM   516 C "C2'" . DG  B 1 13 ? 5.929   11.777  18.335  1.00 2.00  ? 26 DG  B "C2'" 1 
ATOM   517 C "C1'" . DG  B 1 13 ? 6.037   12.377  16.957  1.00 10.45 ? 26 DG  B "C1'" 1 
ATOM   518 N N9    . DG  B 1 13 ? 4.801   12.958  16.432  1.00 2.00  ? 26 DG  B N9    1 
ATOM   519 C C8    . DG  B 1 13 ? 3.618   13.263  17.043  1.00 14.70 ? 26 DG  B C8    1 
ATOM   520 N N7    . DG  B 1 13 ? 2.762   13.883  16.259  1.00 18.44 ? 26 DG  B N7    1 
ATOM   521 C C5    . DG  B 1 13 ? 3.436   14.002  15.049  1.00 9.09  ? 26 DG  B C5    1 
ATOM   522 C C6    . DG  B 1 13 ? 3.050   14.568  13.810  1.00 7.05  ? 26 DG  B C6    1 
ATOM   523 O O6    . DG  B 1 13 ? 1.971   15.085  13.507  1.00 9.80  ? 26 DG  B O6    1 
ATOM   524 N N1    . DG  B 1 13 ? 4.034   14.528  12.835  1.00 16.18 ? 26 DG  B N1    1 
ATOM   525 C C2    . DG  B 1 13 ? 5.242   13.948  13.054  1.00 14.48 ? 26 DG  B C2    1 
ATOM   526 N N2    . DG  B 1 13 ? 6.091   13.953  12.017  1.00 17.13 ? 26 DG  B N2    1 
ATOM   527 N N3    . DG  B 1 13 ? 5.655   13.420  14.203  1.00 16.57 ? 26 DG  B N3    1 
ATOM   528 C C4    . DG  B 1 13 ? 4.685   13.456  15.143  1.00 8.53  ? 26 DG  B C4    1 
HETATM 529 O O     . HOH C 2 .  ? -9.996  -1.466  -8.295  1.00 5.71  ? 27 HOH A O     1 
HETATM 530 O O     . HOH C 2 .  ? -9.495  8.647   4.220   1.00 4.79  ? 30 HOH A O     1 
HETATM 531 O O     . HOH C 2 .  ? -3.175  1.529   -13.423 1.00 19.04 ? 33 HOH A O     1 
HETATM 532 O O     . HOH C 2 .  ? 0.787   -9.784  -17.456 1.00 8.56  ? 34 HOH A O     1 
HETATM 533 O O     . HOH C 2 .  ? 16.152  -3.403  10.630  1.00 19.59 ? 36 HOH A O     1 
HETATM 534 O O     . HOH C 2 .  ? 10.868  1.594   5.705   1.00 2.00  ? 37 HOH A O     1 
HETATM 535 O O     . HOH C 2 .  ? 3.942   3.202   11.110  1.00 2.00  ? 38 HOH A O     1 
HETATM 536 O O     . HOH C 2 .  ? 1.281   3.704   8.895   1.00 18.25 ? 39 HOH A O     1 
HETATM 537 O O     . HOH C 2 .  ? 2.177   1.502   -10.439 1.00 39.94 ? 42 HOH A O     1 
HETATM 538 O O     . HOH C 2 .  ? -0.823  -3.885  4.075   1.00 3.22  ? 43 HOH A O     1 
HETATM 539 O O     . HOH C 2 .  ? -0.543  5.980   -13.437 1.00 2.00  ? 44 HOH A O     1 
HETATM 540 O O     . HOH C 2 .  ? 7.624   -2.592  6.718   1.00 8.38  ? 48 HOH A O     1 
HETATM 541 O O     . HOH D 2 .  ? 8.874   3.461   1.116   1.00 9.40  ? 28 HOH B O     1 
HETATM 542 O O     . HOH D 2 .  ? -1.077  9.767   6.442   1.00 2.00  ? 29 HOH B O     1 
HETATM 543 O O     . HOH D 2 .  ? -5.572  -17.601 -2.982  1.00 2.97  ? 31 HOH B O     1 
HETATM 544 O O     . HOH D 2 .  ? 0.245   -4.534  -0.083  1.00 2.00  ? 32 HOH B O     1 
HETATM 545 O O     . HOH D 2 .  ? 2.209   -11.722 -3.554  1.00 6.85  ? 35 HOH B O     1 
HETATM 546 O O     . HOH D 2 .  ? -0.866  9.544   10.252  1.00 2.00  ? 40 HOH B O     1 
HETATM 547 O O     . HOH D 2 .  ? 5.258   6.694   16.795  1.00 2.00  ? 41 HOH B O     1 
HETATM 548 O O     . HOH D 2 .  ? -8.998  -17.805 -5.347  1.00 11.04 ? 45 HOH B O     1 
HETATM 549 O O     . HOH D 2 .  ? -21.056 -1.368  -4.137  1.00 42.06 ? 46 HOH B O     1 
HETATM 550 O O     . HOH D 2 .  ? 7.999   -3.326  -5.859  1.00 2.00  ? 47 HOH B O     1 
HETATM 551 O O     . HOH D 2 .  ? 5.751   -0.364  1.991   1.00 13.89 ? 49 HOH B O     1 
# 
